data_4ALM
#
_entry.id   4ALM
#
_cell.length_a   87.490
_cell.length_b   87.490
_cell.length_c   307.180
_cell.angle_alpha   90.00
_cell.angle_beta   90.00
_cell.angle_gamma   90.00
#
_symmetry.space_group_name_H-M   'P 43 21 2'
#
loop_
_entity.id
_entity.type
_entity.pdbx_description
1 polymer 'ENOYL-[ACYL-CARRIER-PROTEIN] REDUCTASE [NADPH]'
2 non-polymer 'SULFATE ION'
3 water water
#
_entity_poly.entity_id   1
_entity_poly.type   'polypeptide(L)'
_entity_poly.pdbx_seq_one_letter_code
;MKHHHHHHPMSDYDIPTTENLYFQGAMVNLENKTYVIMGIANKRSIAFGVAKVLDQLGAKLVFTYRKERSRKELEKLLEQ
LNQPEAHLYQIDVQSDEEVINGFEQIGKDVGNIDGVYHSIAFANMEDLRGRFSETSREGFLLAQDISSYSLTIVAHEAKK
LMPEGGSIVATTYLGGEFAVQNYNVMGVAKASLEANVKYLALDLGPDNIRVNAISAGPIRTLSAKGVGGFNTILKEIEER
APLKRNVDQVEVGKTAAYLLSDLSSGVTGENIHVDSGFHAIK
;
_entity_poly.pdbx_strand_id   A,B,C,D
#
loop_
_chem_comp.id
_chem_comp.type
_chem_comp.name
_chem_comp.formula
SO4 non-polymer 'SULFATE ION' 'O4 S -2'
#
# COMPACT_ATOMS: atom_id res chain seq x y z
N PRO A 9 -34.00 17.70 -18.78
CA PRO A 9 -34.70 16.60 -19.43
C PRO A 9 -34.79 15.43 -18.47
N MET A 10 -35.99 15.20 -17.95
CA MET A 10 -36.22 14.27 -16.87
C MET A 10 -37.46 13.42 -17.15
N SER A 11 -37.73 12.52 -16.21
CA SER A 11 -38.91 11.66 -16.21
C SER A 11 -39.28 11.41 -14.76
N ASP A 12 -40.58 11.31 -14.53
CA ASP A 12 -41.13 11.02 -13.20
C ASP A 12 -42.52 10.43 -13.34
N TYR A 13 -42.60 9.16 -13.74
CA TYR A 13 -43.90 8.51 -13.91
C TYR A 13 -44.13 7.40 -12.89
N ASP A 14 -45.39 6.97 -12.79
CA ASP A 14 -45.79 5.92 -11.85
C ASP A 14 -45.58 4.53 -12.44
N ILE A 15 -45.09 3.62 -11.60
CA ILE A 15 -45.11 2.19 -11.90
C ILE A 15 -46.15 1.53 -10.97
N PRO A 16 -46.98 0.62 -11.53
CA PRO A 16 -47.90 -0.14 -10.68
C PRO A 16 -47.17 -0.81 -9.53
N THR A 17 -47.87 -1.09 -8.44
CA THR A 17 -47.25 -1.63 -7.23
C THR A 17 -47.85 -2.97 -6.83
N THR A 18 -48.84 -3.43 -7.59
CA THR A 18 -49.61 -4.64 -7.28
C THR A 18 -48.75 -5.89 -7.14
N GLU A 19 -47.60 -5.88 -7.81
CA GLU A 19 -46.68 -7.01 -7.80
C GLU A 19 -45.43 -6.67 -7.00
N ASN A 20 -45.48 -5.60 -6.21
CA ASN A 20 -44.32 -5.19 -5.43
C ASN A 20 -44.15 -5.98 -4.12
N LEU A 21 -43.10 -5.62 -3.39
CA LEU A 21 -42.80 -6.23 -2.11
C LEU A 21 -43.75 -5.70 -1.05
N TYR A 22 -44.14 -6.56 -0.12
CA TYR A 22 -45.12 -6.17 0.89
C TYR A 22 -44.48 -5.80 2.23
N PHE A 23 -43.20 -6.15 2.38
CA PHE A 23 -42.50 -6.00 3.65
C PHE A 23 -41.19 -5.24 3.55
N GLN A 24 -40.64 -4.89 4.71
CA GLN A 24 -39.33 -4.24 4.74
C GLN A 24 -38.21 -5.26 4.83
N GLY A 25 -37.31 -5.25 3.84
CA GLY A 25 -36.13 -6.10 3.86
C GLY A 25 -35.15 -5.62 4.90
N ALA A 26 -34.56 -6.55 5.64
CA ALA A 26 -33.49 -6.22 6.61
C ALA A 26 -32.09 -6.36 5.99
N MET A 27 -31.27 -5.32 6.15
CA MET A 27 -29.92 -5.31 5.58
C MET A 27 -29.01 -6.38 6.22
N VAL A 28 -29.11 -6.51 7.54
CA VAL A 28 -28.39 -7.57 8.23
C VAL A 28 -29.37 -8.30 9.17
N ASN A 29 -29.55 -9.62 8.99
CA ASN A 29 -30.31 -10.41 9.95
C ASN A 29 -29.57 -11.64 10.48
N LEU A 30 -29.34 -11.67 11.79
CA LEU A 30 -28.44 -12.66 12.39
C LEU A 30 -29.16 -13.73 13.23
N GLU A 31 -30.46 -13.89 12.99
CA GLU A 31 -31.27 -14.78 13.79
C GLU A 31 -30.72 -16.19 13.94
N ASN A 32 -30.25 -16.82 12.87
CA ASN A 32 -29.75 -18.18 13.06
C ASN A 32 -28.24 -18.30 13.14
N LYS A 33 -27.60 -17.25 13.63
CA LYS A 33 -26.15 -17.19 13.64
C LYS A 33 -25.61 -17.17 15.07
N THR A 34 -24.46 -17.81 15.25
CA THR A 34 -23.80 -17.84 16.55
C THR A 34 -22.42 -17.23 16.42
N TYR A 35 -22.13 -16.25 17.24
CA TYR A 35 -20.83 -15.59 17.20
C TYR A 35 -20.16 -15.68 18.55
N VAL A 36 -18.85 -15.89 18.53
CA VAL A 36 -18.03 -15.83 19.73
C VAL A 36 -17.40 -14.46 19.79
N ILE A 37 -17.54 -13.83 20.95
CA ILE A 37 -17.07 -12.47 21.17
C ILE A 37 -15.98 -12.45 22.24
N MET A 38 -14.79 -11.99 21.82
CA MET A 38 -13.65 -11.94 22.70
C MET A 38 -13.24 -10.48 22.96
N GLY A 39 -13.01 -10.14 24.22
CA GLY A 39 -12.44 -8.85 24.52
C GLY A 39 -13.29 -7.90 25.35
N ILE A 40 -14.36 -8.40 25.96
CA ILE A 40 -15.16 -7.54 26.84
C ILE A 40 -14.62 -7.55 28.28
N ALA A 41 -14.28 -6.37 28.78
CA ALA A 41 -13.79 -6.21 30.15
C ALA A 41 -14.74 -5.39 31.03
N ASN A 42 -15.36 -4.38 30.44
CA ASN A 42 -16.29 -3.50 31.13
C ASN A 42 -17.23 -2.83 30.14
N LYS A 43 -18.05 -1.93 30.63
CA LYS A 43 -19.06 -1.26 29.80
C LYS A 43 -18.45 -0.37 28.72
N ARG A 44 -17.19 0.00 28.89
CA ARG A 44 -16.51 0.86 27.95
C ARG A 44 -15.81 0.11 26.81
N SER A 45 -15.76 -1.23 26.92
CA SER A 45 -15.06 -2.07 25.95
C SER A 45 -15.62 -1.94 24.54
N ILE A 46 -14.73 -1.89 23.56
CA ILE A 46 -15.15 -1.81 22.17
C ILE A 46 -16.03 -3.02 21.86
N ALA A 47 -15.60 -4.18 22.33
CA ALA A 47 -16.28 -5.45 22.10
C ALA A 47 -17.67 -5.49 22.73
N PHE A 48 -17.95 -4.60 23.68
CA PHE A 48 -19.30 -4.57 24.24
C PHE A 48 -20.27 -3.85 23.30
N GLY A 49 -19.75 -2.88 22.56
CA GLY A 49 -20.50 -2.23 21.50
C GLY A 49 -20.86 -3.20 20.40
N VAL A 50 -19.90 -4.01 19.97
CA VAL A 50 -20.16 -5.06 18.98
C VAL A 50 -21.25 -5.99 19.48
N ALA A 51 -21.14 -6.40 20.74
CA ALA A 51 -22.18 -7.20 21.38
C ALA A 51 -23.60 -6.58 21.30
N LYS A 52 -23.75 -5.36 21.81
CA LYS A 52 -25.01 -4.65 21.68
C LYS A 52 -25.53 -4.77 20.24
N VAL A 53 -24.69 -4.41 19.28
CA VAL A 53 -25.13 -4.41 17.89
C VAL A 53 -25.54 -5.81 17.41
N LEU A 54 -24.70 -6.82 17.63
CA LEU A 54 -25.01 -8.16 17.14
C LEU A 54 -26.27 -8.71 17.83
N ASP A 55 -26.44 -8.36 19.10
CA ASP A 55 -27.62 -8.74 19.86
C ASP A 55 -28.89 -8.17 19.25
N GLN A 56 -28.89 -6.87 19.00
CA GLN A 56 -30.05 -6.21 18.44
C GLN A 56 -30.40 -6.70 17.04
N LEU A 57 -29.53 -7.51 16.46
CA LEU A 57 -29.78 -8.03 15.13
C LEU A 57 -30.07 -9.53 15.20
N GLY A 58 -30.37 -10.01 16.41
CA GLY A 58 -30.76 -11.38 16.63
C GLY A 58 -29.70 -12.48 16.66
N ALA A 59 -28.42 -12.13 16.70
CA ALA A 59 -27.39 -13.16 16.81
C ALA A 59 -27.43 -13.88 18.14
N LYS A 60 -27.07 -15.16 18.12
CA LYS A 60 -26.73 -15.90 19.34
C LYS A 60 -25.28 -15.64 19.71
N LEU A 61 -25.07 -15.15 20.93
CA LEU A 61 -23.77 -14.66 21.36
C LEU A 61 -23.11 -15.49 22.45
N VAL A 62 -21.83 -15.79 22.28
CA VAL A 62 -21.01 -16.47 23.29
C VAL A 62 -19.84 -15.55 23.65
N PHE A 63 -19.41 -15.56 24.90
CA PHE A 63 -18.41 -14.60 25.35
C PHE A 63 -17.28 -15.32 26.02
N THR A 64 -16.07 -14.84 25.77
CA THR A 64 -14.86 -15.31 26.44
C THR A 64 -14.29 -14.18 27.30
N TYR A 65 -13.62 -14.55 28.39
CA TYR A 65 -12.97 -13.58 29.24
C TYR A 65 -11.65 -14.15 29.74
N ARG A 66 -10.82 -13.30 30.31
CA ARG A 66 -9.51 -13.68 30.79
C ARG A 66 -9.52 -13.56 32.29
N LYS A 67 -9.81 -12.34 32.77
CA LYS A 67 -9.81 -12.06 34.21
C LYS A 67 -11.19 -12.28 34.84
N GLU A 68 -11.19 -12.61 36.12
CA GLU A 68 -12.42 -12.81 36.86
C GLU A 68 -13.25 -11.52 36.97
N ARG A 69 -12.56 -10.40 37.15
CA ARG A 69 -13.21 -9.10 37.20
C ARG A 69 -14.07 -8.87 35.95
N SER A 70 -13.61 -9.41 34.83
CA SER A 70 -14.34 -9.30 33.56
C SER A 70 -15.54 -10.23 33.52
N ARG A 71 -15.44 -11.37 34.21
CA ARG A 71 -16.55 -12.32 34.28
C ARG A 71 -17.72 -11.69 35.02
N LYS A 72 -17.43 -11.08 36.17
CA LYS A 72 -18.45 -10.35 36.93
C LYS A 72 -19.11 -9.30 36.03
N GLU A 73 -18.29 -8.53 35.34
CA GLU A 73 -18.75 -7.47 34.45
C GLU A 73 -19.69 -7.97 33.34
N LEU A 74 -19.29 -9.06 32.68
CA LEU A 74 -20.10 -9.71 31.67
C LEU A 74 -21.49 -10.15 32.18
N GLU A 75 -21.55 -10.73 33.37
CA GLU A 75 -22.83 -11.07 33.96
C GLU A 75 -23.74 -9.83 34.13
N LYS A 76 -23.14 -8.68 34.39
CA LYS A 76 -23.89 -7.44 34.58
C LYS A 76 -24.31 -6.81 33.25
N LEU A 77 -23.49 -7.00 32.23
CA LEU A 77 -23.78 -6.42 30.93
C LEU A 77 -24.77 -7.28 30.14
N LEU A 78 -24.78 -8.58 30.41
CA LEU A 78 -25.72 -9.49 29.79
C LEU A 78 -27.18 -9.17 30.07
N GLU A 79 -27.45 -8.53 31.21
CA GLU A 79 -28.83 -8.17 31.52
C GLU A 79 -29.29 -6.96 30.71
N GLN A 80 -28.37 -6.41 29.92
CA GLN A 80 -28.71 -5.34 29.00
C GLN A 80 -28.90 -5.87 27.57
N LEU A 81 -28.55 -7.14 27.36
CA LEU A 81 -28.76 -7.79 26.07
C LEU A 81 -29.95 -8.77 26.13
N ASN A 82 -30.43 -9.17 24.96
CA ASN A 82 -31.52 -10.11 24.83
C ASN A 82 -31.06 -11.53 24.52
N GLN A 83 -30.14 -12.05 25.33
CA GLN A 83 -29.65 -13.40 25.16
C GLN A 83 -30.30 -14.34 26.17
N PRO A 84 -31.21 -15.21 25.71
CA PRO A 84 -31.92 -16.12 26.61
C PRO A 84 -30.93 -17.01 27.37
N GLU A 85 -29.79 -17.28 26.73
CA GLU A 85 -28.76 -18.15 27.27
C GLU A 85 -27.47 -17.40 27.49
N ALA A 86 -26.95 -17.43 28.71
CA ALA A 86 -25.61 -16.98 28.97
C ALA A 86 -24.61 -18.10 28.68
N HIS A 87 -23.48 -17.73 28.11
CA HIS A 87 -22.44 -18.67 27.74
C HIS A 87 -21.12 -17.90 27.81
N LEU A 88 -20.38 -18.15 28.89
CA LEU A 88 -19.15 -17.44 29.23
C LEU A 88 -18.04 -18.46 29.41
N TYR A 89 -16.94 -18.27 28.68
CA TYR A 89 -15.80 -19.16 28.81
C TYR A 89 -14.56 -18.36 29.17
N GLN A 90 -13.81 -18.85 30.15
CA GLN A 90 -12.52 -18.25 30.42
C GLN A 90 -11.55 -18.74 29.36
N ILE A 91 -11.04 -17.81 28.56
CA ILE A 91 -9.97 -18.13 27.62
C ILE A 91 -8.87 -17.07 27.66
N ASP A 92 -7.69 -17.47 28.13
CA ASP A 92 -6.47 -16.67 28.02
C ASP A 92 -5.75 -17.09 26.74
N VAL A 93 -5.69 -16.20 25.75
CA VAL A 93 -5.10 -16.53 24.45
C VAL A 93 -3.60 -16.79 24.48
N GLN A 94 -2.93 -16.32 25.52
CA GLN A 94 -1.52 -16.60 25.70
C GLN A 94 -1.26 -18.06 25.99
N SER A 95 -2.33 -18.83 26.16
CA SER A 95 -2.20 -20.25 26.47
C SER A 95 -2.81 -21.14 25.40
N ASP A 96 -2.01 -21.98 24.77
CA ASP A 96 -2.49 -22.89 23.73
C ASP A 96 -3.68 -23.73 24.23
N GLU A 97 -3.50 -24.37 25.38
CA GLU A 97 -4.49 -25.31 25.88
C GLU A 97 -5.81 -24.64 26.24
N GLU A 98 -5.73 -23.41 26.76
CA GLU A 98 -6.93 -22.66 27.06
C GLU A 98 -7.70 -22.31 25.79
N VAL A 99 -6.99 -21.92 24.73
CA VAL A 99 -7.64 -21.64 23.46
C VAL A 99 -8.21 -22.92 22.85
N ILE A 100 -7.44 -24.02 22.93
CA ILE A 100 -7.89 -25.30 22.38
C ILE A 100 -9.08 -25.90 23.12
N ASN A 101 -9.01 -25.91 24.46
CA ASN A 101 -10.09 -26.39 25.31
C ASN A 101 -11.32 -25.50 25.22
N GLY A 102 -11.10 -24.20 25.30
CA GLY A 102 -12.18 -23.24 25.25
C GLY A 102 -13.08 -23.43 24.05
N PHE A 103 -12.51 -23.44 22.84
CA PHE A 103 -13.30 -23.61 21.61
C PHE A 103 -13.87 -25.02 21.46
N GLU A 104 -13.18 -25.97 22.08
CA GLU A 104 -13.66 -27.32 22.20
C GLU A 104 -15.00 -27.30 22.95
N GLN A 105 -14.98 -26.75 24.16
CA GLN A 105 -16.17 -26.66 24.99
C GLN A 105 -17.28 -25.87 24.30
N ILE A 106 -16.93 -24.77 23.65
CA ILE A 106 -17.92 -24.00 22.90
C ILE A 106 -18.59 -24.89 21.86
N GLY A 107 -17.79 -25.64 21.10
CA GLY A 107 -18.30 -26.62 20.16
C GLY A 107 -19.28 -27.63 20.76
N LYS A 108 -18.93 -28.18 21.92
CA LYS A 108 -19.79 -29.15 22.60
C LYS A 108 -21.11 -28.52 23.08
N ASP A 109 -21.01 -27.31 23.61
CA ASP A 109 -22.16 -26.60 24.15
C ASP A 109 -23.13 -26.07 23.08
N VAL A 110 -22.63 -25.31 22.10
CA VAL A 110 -23.51 -24.65 21.15
C VAL A 110 -23.37 -25.17 19.72
N GLY A 111 -22.39 -26.04 19.51
CA GLY A 111 -22.15 -26.55 18.17
C GLY A 111 -21.40 -25.57 17.29
N ASN A 112 -21.64 -25.65 16.00
CA ASN A 112 -20.97 -24.81 15.04
C ASN A 112 -21.29 -23.32 15.13
N ILE A 113 -20.29 -22.47 14.88
CA ILE A 113 -20.51 -21.04 14.90
C ILE A 113 -20.40 -20.42 13.51
N ASP A 114 -20.66 -19.14 13.43
CA ASP A 114 -20.65 -18.45 12.15
C ASP A 114 -19.50 -17.45 12.08
N GLY A 115 -18.86 -17.24 13.22
CA GLY A 115 -17.71 -16.36 13.25
C GLY A 115 -17.18 -16.02 14.63
N VAL A 116 -16.10 -15.25 14.62
CA VAL A 116 -15.42 -14.80 15.82
C VAL A 116 -15.11 -13.31 15.74
N TYR A 117 -15.36 -12.61 16.84
CA TYR A 117 -14.88 -11.25 16.96
C TYR A 117 -13.80 -11.21 18.05
N HIS A 118 -12.64 -10.67 17.68
CA HIS A 118 -11.49 -10.67 18.57
C HIS A 118 -10.91 -9.28 18.75
N SER A 119 -10.99 -8.77 19.98
CA SER A 119 -10.35 -7.52 20.34
C SER A 119 -8.86 -7.76 20.51
N ILE A 120 -8.05 -7.03 19.74
CA ILE A 120 -6.62 -7.19 19.88
C ILE A 120 -6.12 -6.43 21.10
N ALA A 121 -5.50 -7.17 22.02
CA ALA A 121 -4.86 -6.58 23.19
C ALA A 121 -3.46 -6.09 22.86
N PHE A 122 -3.05 -5.01 23.52
CA PHE A 122 -1.65 -4.59 23.49
C PHE A 122 -1.17 -4.54 24.94
N ALA A 123 -0.21 -5.39 25.28
CA ALA A 123 0.31 -5.44 26.64
C ALA A 123 1.24 -4.27 26.97
N ASN A 124 1.02 -3.65 28.12
CA ASN A 124 1.96 -2.65 28.59
C ASN A 124 3.17 -3.35 29.20
N MET A 125 4.36 -2.88 28.87
CA MET A 125 5.57 -3.48 29.38
C MET A 125 6.60 -2.38 29.64
N GLU A 126 7.73 -2.76 30.20
CA GLU A 126 8.80 -1.82 30.53
C GLU A 126 9.39 -1.14 29.30
N ASP A 127 9.50 -1.88 28.20
CA ASP A 127 10.12 -1.37 26.97
C ASP A 127 9.38 -0.19 26.35
N LEU A 128 8.14 0.01 26.77
CA LEU A 128 7.31 1.08 26.22
C LEU A 128 7.80 2.44 26.71
N ARG A 129 8.61 2.43 27.75
CA ARG A 129 9.07 3.66 28.39
C ARG A 129 10.32 4.24 27.73
N GLY A 130 10.96 3.47 26.86
CA GLY A 130 12.20 3.90 26.22
C GLY A 130 12.13 4.03 24.71
N ARG A 131 13.29 4.27 24.09
CA ARG A 131 13.37 4.34 22.63
C ARG A 131 13.14 2.97 21.99
N PHE A 132 12.78 2.98 20.71
CA PHE A 132 12.53 1.73 20.00
C PHE A 132 13.78 0.86 19.85
N SER A 133 14.92 1.46 19.48
CA SER A 133 16.17 0.71 19.33
C SER A 133 16.65 0.07 20.65
N GLU A 134 15.98 0.36 21.75
CA GLU A 134 16.38 -0.18 23.04
C GLU A 134 15.46 -1.31 23.48
N THR A 135 14.50 -1.64 22.62
CA THR A 135 13.51 -2.67 22.93
C THR A 135 14.17 -4.01 23.20
N SER A 136 13.80 -4.63 24.31
CA SER A 136 14.34 -5.94 24.67
C SER A 136 13.69 -7.00 23.79
N ARG A 137 14.41 -8.10 23.58
CA ARG A 137 13.87 -9.23 22.81
C ARG A 137 12.54 -9.70 23.41
N GLU A 138 12.51 -9.88 24.72
CA GLU A 138 11.34 -10.32 25.45
C GLU A 138 10.17 -9.35 25.22
N GLY A 139 10.43 -8.06 25.34
CA GLY A 139 9.38 -7.08 25.15
C GLY A 139 8.84 -7.12 23.73
N PHE A 140 9.75 -7.17 22.77
CA PHE A 140 9.37 -7.25 21.36
C PHE A 140 8.53 -8.50 21.08
N LEU A 141 8.98 -9.64 21.57
CA LEU A 141 8.31 -10.89 21.23
C LEU A 141 6.99 -11.05 22.00
N LEU A 142 6.87 -10.37 23.13
CA LEU A 142 5.64 -10.37 23.92
C LEU A 142 4.57 -9.59 23.16
N ALA A 143 4.93 -8.42 22.68
CA ALA A 143 4.05 -7.63 21.81
C ALA A 143 3.56 -8.46 20.62
N GLN A 144 4.44 -9.28 20.05
CA GLN A 144 4.11 -10.10 18.88
C GLN A 144 3.16 -11.24 19.20
N ASP A 145 3.44 -11.89 20.32
CA ASP A 145 2.64 -13.00 20.85
C ASP A 145 1.22 -12.56 21.15
N ILE A 146 1.11 -11.46 21.86
CA ILE A 146 -0.19 -10.95 22.30
C ILE A 146 -0.99 -10.34 21.15
N SER A 147 -0.38 -9.40 20.43
CA SER A 147 -1.11 -8.60 19.45
C SER A 147 -1.26 -9.23 18.07
N SER A 148 -0.45 -10.24 17.75
CA SER A 148 -0.46 -10.81 16.42
C SER A 148 -0.70 -12.31 16.43
N TYR A 149 0.11 -13.04 17.18
CA TYR A 149 -0.07 -14.48 17.18
C TYR A 149 -1.45 -14.87 17.73
N SER A 150 -2.01 -14.02 18.58
CA SER A 150 -3.29 -14.33 19.19
C SER A 150 -4.28 -14.70 18.08
N LEU A 151 -4.23 -13.99 16.96
CA LEU A 151 -5.22 -14.19 15.91
C LEU A 151 -5.00 -15.52 15.21
N THR A 152 -3.76 -15.97 15.17
CA THR A 152 -3.43 -17.23 14.52
C THR A 152 -4.01 -18.41 15.29
N ILE A 153 -3.81 -18.44 16.61
CA ILE A 153 -4.28 -19.56 17.43
C ILE A 153 -5.81 -19.64 17.48
N VAL A 154 -6.46 -18.49 17.56
CA VAL A 154 -7.92 -18.42 17.54
C VAL A 154 -8.51 -18.91 16.20
N ALA A 155 -7.97 -18.42 15.09
CA ALA A 155 -8.41 -18.92 13.79
C ALA A 155 -8.23 -20.43 13.69
N HIS A 156 -7.08 -20.91 14.17
CA HIS A 156 -6.74 -22.34 14.10
C HIS A 156 -7.76 -23.24 14.81
N GLU A 157 -8.27 -22.79 15.97
CA GLU A 157 -9.23 -23.58 16.74
C GLU A 157 -10.67 -23.32 16.27
N ALA A 158 -10.99 -22.05 16.03
CA ALA A 158 -12.33 -21.64 15.62
C ALA A 158 -12.76 -22.23 14.28
N LYS A 159 -11.82 -22.38 13.35
CA LYS A 159 -12.15 -22.94 12.04
C LYS A 159 -12.70 -24.37 12.15
N LYS A 160 -12.31 -25.07 13.22
CA LYS A 160 -12.86 -26.40 13.52
C LYS A 160 -14.38 -26.36 13.76
N LEU A 161 -14.91 -25.18 14.09
CA LEU A 161 -16.34 -25.00 14.31
C LEU A 161 -17.06 -24.37 13.11
N MET A 162 -16.32 -24.17 12.03
CA MET A 162 -16.86 -23.51 10.86
C MET A 162 -16.69 -24.37 9.59
N PRO A 163 -17.21 -25.62 9.64
CA PRO A 163 -17.10 -26.56 8.52
C PRO A 163 -17.66 -26.00 7.20
N GLU A 164 -18.72 -25.21 7.28
CA GLU A 164 -19.34 -24.66 6.09
C GLU A 164 -18.86 -23.24 5.81
N GLY A 165 -17.98 -22.74 6.67
CA GLY A 165 -17.45 -21.40 6.51
C GLY A 165 -17.90 -20.43 7.59
N GLY A 166 -17.40 -19.22 7.52
CA GLY A 166 -17.71 -18.21 8.51
C GLY A 166 -16.92 -16.93 8.32
N SER A 167 -16.88 -16.12 9.35
CA SER A 167 -16.22 -14.84 9.24
C SER A 167 -15.47 -14.51 10.54
N ILE A 168 -14.24 -14.03 10.40
CA ILE A 168 -13.43 -13.67 11.56
C ILE A 168 -13.02 -12.21 11.52
N VAL A 169 -13.26 -11.50 12.60
CA VAL A 169 -12.85 -10.10 12.68
C VAL A 169 -11.92 -9.79 13.85
N ALA A 170 -10.84 -9.08 13.53
CA ALA A 170 -9.89 -8.60 14.53
C ALA A 170 -9.89 -7.07 14.57
N THR A 171 -10.00 -6.50 15.76
CA THR A 171 -10.06 -5.04 15.89
C THR A 171 -8.90 -4.48 16.72
N THR A 172 -8.24 -3.46 16.18
CA THR A 172 -7.23 -2.72 16.94
C THR A 172 -7.70 -1.31 17.29
N TYR A 173 -7.77 -1.02 18.59
CA TYR A 173 -8.14 0.31 19.05
C TYR A 173 -6.93 1.12 19.49
N LEU A 174 -6.59 2.15 18.73
CA LEU A 174 -5.46 3.04 19.04
C LEU A 174 -5.85 4.15 20.02
N GLY A 175 -5.86 3.82 21.32
CA GLY A 175 -6.19 4.79 22.35
C GLY A 175 -5.01 5.15 23.23
N GLY A 176 -5.31 5.52 24.48
CA GLY A 176 -4.31 5.98 25.45
C GLY A 176 -3.13 5.06 25.72
N GLU A 177 -3.32 3.77 25.53
CA GLU A 177 -2.24 2.79 25.75
C GLU A 177 -1.04 3.06 24.84
N PHE A 178 -1.27 3.76 23.72
CA PHE A 178 -0.21 4.05 22.76
C PHE A 178 0.58 5.31 23.06
N ALA A 179 0.12 6.13 24.01
CA ALA A 179 0.83 7.34 24.42
C ALA A 179 2.06 7.00 25.25
N VAL A 180 3.02 6.33 24.63
CA VAL A 180 4.27 5.95 25.29
C VAL A 180 5.39 6.34 24.33
N GLN A 181 6.62 6.41 24.82
CA GLN A 181 7.72 6.79 23.93
C GLN A 181 7.95 5.70 22.91
N ASN A 182 7.79 4.46 23.34
CA ASN A 182 8.03 3.32 22.47
C ASN A 182 6.74 2.75 21.89
N TYR A 183 5.96 3.62 21.25
CA TYR A 183 4.81 3.18 20.49
C TYR A 183 5.27 2.41 19.23
N ASN A 184 6.54 2.58 18.86
CA ASN A 184 7.13 1.94 17.69
C ASN A 184 6.98 0.42 17.70
N VAL A 185 7.23 -0.18 18.86
CA VAL A 185 7.17 -1.63 18.97
C VAL A 185 5.71 -2.11 18.86
N MET A 186 4.80 -1.32 19.42
CA MET A 186 3.38 -1.58 19.21
C MET A 186 3.04 -1.39 17.73
N GLY A 187 3.63 -0.39 17.10
CA GLY A 187 3.52 -0.22 15.66
C GLY A 187 3.94 -1.48 14.90
N VAL A 188 5.04 -2.07 15.32
CA VAL A 188 5.54 -3.27 14.67
C VAL A 188 4.63 -4.48 14.95
N ALA A 189 4.09 -4.56 16.15
CA ALA A 189 3.12 -5.62 16.47
C ALA A 189 1.84 -5.43 15.64
N LYS A 190 1.43 -4.18 15.44
CA LYS A 190 0.27 -3.87 14.62
C LYS A 190 0.49 -4.23 13.15
N ALA A 191 1.66 -3.87 12.63
CA ALA A 191 1.99 -4.17 11.24
C ALA A 191 1.99 -5.68 11.05
N SER A 192 2.45 -6.39 12.06
CA SER A 192 2.49 -7.84 12.01
C SER A 192 1.07 -8.41 11.98
N LEU A 193 0.19 -7.79 12.76
CA LEU A 193 -1.21 -8.19 12.79
C LEU A 193 -1.92 -7.98 11.44
N GLU A 194 -1.72 -6.81 10.82
CA GLU A 194 -2.31 -6.55 9.52
C GLU A 194 -1.90 -7.61 8.51
N ALA A 195 -0.64 -8.02 8.55
CA ALA A 195 -0.15 -9.03 7.62
C ALA A 195 -0.74 -10.40 7.96
N ASN A 196 -0.85 -10.69 9.25
CA ASN A 196 -1.44 -11.93 9.71
C ASN A 196 -2.88 -12.06 9.17
N VAL A 197 -3.62 -10.95 9.22
CA VAL A 197 -4.98 -10.90 8.68
C VAL A 197 -4.98 -11.31 7.22
N LYS A 198 -4.06 -10.76 6.44
CA LYS A 198 -4.01 -11.09 5.02
C LYS A 198 -3.60 -12.55 4.76
N TYR A 199 -2.59 -13.05 5.48
CA TYR A 199 -2.13 -14.44 5.29
C TYR A 199 -3.10 -15.49 5.84
N LEU A 200 -3.84 -15.14 6.89
CA LEU A 200 -4.95 -15.99 7.33
C LEU A 200 -6.08 -15.98 6.28
N ALA A 201 -6.38 -14.81 5.75
CA ALA A 201 -7.37 -14.70 4.69
C ALA A 201 -6.98 -15.63 3.53
N LEU A 202 -5.69 -15.64 3.18
CA LEU A 202 -5.23 -16.51 2.10
C LEU A 202 -5.39 -17.98 2.47
N ASP A 203 -5.03 -18.29 3.70
CA ASP A 203 -5.00 -19.64 4.18
C ASP A 203 -6.43 -20.21 4.31
N LEU A 204 -7.33 -19.42 4.88
CA LEU A 204 -8.66 -19.92 5.20
C LEU A 204 -9.72 -19.67 4.11
N GLY A 205 -9.43 -18.78 3.17
CA GLY A 205 -10.31 -18.55 2.04
C GLY A 205 -10.86 -19.83 1.44
N PRO A 206 -9.98 -20.77 1.08
CA PRO A 206 -10.48 -22.02 0.49
C PRO A 206 -11.49 -22.75 1.38
N ASP A 207 -11.53 -22.43 2.67
CA ASP A 207 -12.52 -23.03 3.59
C ASP A 207 -13.76 -22.16 3.74
N ASN A 208 -13.88 -21.15 2.88
CA ASN A 208 -14.97 -20.18 3.00
C ASN A 208 -15.00 -19.45 4.36
N ILE A 209 -13.82 -19.31 4.97
CA ILE A 209 -13.69 -18.50 6.18
C ILE A 209 -13.01 -17.19 5.82
N ARG A 210 -13.76 -16.11 5.95
CA ARG A 210 -13.23 -14.79 5.64
C ARG A 210 -12.56 -14.21 6.88
N VAL A 211 -11.49 -13.45 6.66
CA VAL A 211 -10.75 -12.87 7.75
C VAL A 211 -10.54 -11.40 7.44
N ASN A 212 -10.99 -10.54 8.35
CA ASN A 212 -10.88 -9.08 8.16
C ASN A 212 -10.54 -8.35 9.44
N ALA A 213 -10.11 -7.11 9.31
CA ALA A 213 -9.75 -6.33 10.48
C ALA A 213 -10.43 -4.98 10.46
N ILE A 214 -10.64 -4.44 11.66
CA ILE A 214 -11.09 -3.05 11.82
C ILE A 214 -10.01 -2.30 12.60
N SER A 215 -9.72 -1.07 12.19
CA SER A 215 -8.88 -0.21 13.02
C SER A 215 -9.67 1.03 13.40
N ALA A 216 -9.61 1.38 14.67
CA ALA A 216 -10.34 2.54 15.19
C ALA A 216 -9.55 3.24 16.29
N GLY A 217 -10.06 4.39 16.73
CA GLY A 217 -9.47 5.10 17.85
C GLY A 217 -9.08 6.52 17.53
N PRO A 218 -8.80 7.31 18.59
CA PRO A 218 -8.41 8.73 18.56
C PRO A 218 -7.07 9.00 17.86
N ILE A 219 -6.27 7.95 17.69
CA ILE A 219 -5.03 8.03 16.94
C ILE A 219 -5.31 7.51 15.53
N ARG A 220 -5.01 8.33 14.52
CA ARG A 220 -5.32 8.01 13.13
C ARG A 220 -4.47 6.84 12.61
N THR A 221 -3.17 6.94 12.79
CA THR A 221 -2.27 5.91 12.30
C THR A 221 -0.95 5.87 13.07
N LEU A 222 -0.29 4.72 13.02
CA LEU A 222 1.01 4.58 13.64
C LEU A 222 2.14 4.62 12.61
N SER A 223 1.80 4.91 11.37
CA SER A 223 2.79 4.85 10.29
C SER A 223 3.96 5.79 10.58
N ALA A 224 5.08 5.55 9.90
CA ALA A 224 6.27 6.36 10.09
C ALA A 224 6.52 7.32 8.93
N PHE A 230 7.50 10.16 17.46
CA PHE A 230 6.58 11.10 16.84
C PHE A 230 5.38 11.28 17.75
N ASN A 231 5.56 12.04 18.84
CA ASN A 231 4.49 12.28 19.81
C ASN A 231 3.47 13.37 19.42
N THR A 232 3.06 13.29 18.16
CA THR A 232 1.82 13.87 17.68
C THR A 232 0.72 13.01 18.30
N ILE A 233 1.12 11.81 18.70
CA ILE A 233 0.22 10.84 19.29
C ILE A 233 -0.31 11.34 20.63
N LEU A 234 0.54 12.04 21.36
CA LEU A 234 0.17 12.61 22.65
C LEU A 234 -0.98 13.61 22.47
N LYS A 235 -0.91 14.43 21.42
CA LYS A 235 -1.92 15.43 21.15
C LYS A 235 -3.25 14.83 20.69
N GLU A 236 -3.18 13.77 19.89
CA GLU A 236 -4.38 13.11 19.42
C GLU A 236 -5.15 12.53 20.60
N ILE A 237 -4.41 12.07 21.60
CA ILE A 237 -4.99 11.55 22.82
C ILE A 237 -5.60 12.66 23.69
N GLU A 238 -4.80 13.69 23.97
CA GLU A 238 -5.24 14.82 24.77
C GLU A 238 -6.41 15.54 24.10
N GLU A 239 -6.51 15.41 22.78
CA GLU A 239 -7.52 16.13 22.02
C GLU A 239 -8.66 15.24 21.54
N ARG A 240 -8.79 14.07 22.17
CA ARG A 240 -9.95 13.19 21.94
C ARG A 240 -11.23 13.99 21.77
N ALA A 241 -12.07 13.57 20.83
CA ALA A 241 -13.42 14.13 20.74
C ALA A 241 -14.21 13.68 21.97
N PRO A 242 -15.25 14.45 22.33
CA PRO A 242 -16.09 14.05 23.46
C PRO A 242 -16.76 12.69 23.22
N LEU A 243 -16.76 11.83 24.24
CA LEU A 243 -17.40 10.52 24.13
C LEU A 243 -16.81 9.65 23.03
N LYS A 244 -15.55 9.88 22.72
CA LYS A 244 -14.88 9.22 21.61
C LYS A 244 -15.05 7.69 21.65
N ARG A 245 -14.79 7.09 22.80
CA ARG A 245 -14.95 5.64 22.96
C ARG A 245 -16.43 5.18 22.85
N ASN A 246 -17.36 6.06 23.17
CA ASN A 246 -18.78 5.75 23.07
C ASN A 246 -19.27 5.62 21.62
N VAL A 247 -18.87 6.55 20.77
CA VAL A 247 -19.24 6.50 19.37
C VAL A 247 -18.55 5.33 18.70
N ASP A 248 -17.25 5.18 18.97
CA ASP A 248 -16.48 4.08 18.39
C ASP A 248 -17.07 2.72 18.74
N GLN A 249 -17.60 2.58 19.95
CA GLN A 249 -18.21 1.33 20.38
C GLN A 249 -19.34 0.92 19.44
N VAL A 250 -20.23 1.86 19.13
CA VAL A 250 -21.35 1.60 18.26
C VAL A 250 -20.92 1.51 16.80
N GLU A 251 -20.03 2.39 16.38
CA GLU A 251 -19.61 2.40 14.97
C GLU A 251 -18.75 1.19 14.61
N VAL A 252 -17.89 0.77 15.53
CA VAL A 252 -17.15 -0.47 15.35
C VAL A 252 -18.14 -1.63 15.26
N GLY A 253 -19.10 -1.67 16.19
CA GLY A 253 -20.15 -2.68 16.19
C GLY A 253 -20.91 -2.78 14.88
N LYS A 254 -21.31 -1.63 14.36
CA LYS A 254 -21.97 -1.59 13.07
C LYS A 254 -21.08 -2.12 11.95
N THR A 255 -19.79 -1.77 11.97
CA THR A 255 -18.90 -2.28 10.93
C THR A 255 -18.66 -3.79 11.10
N ALA A 256 -18.55 -4.22 12.36
CA ALA A 256 -18.37 -5.64 12.66
C ALA A 256 -19.55 -6.48 12.14
N ALA A 257 -20.75 -5.94 12.30
CA ALA A 257 -21.97 -6.60 11.80
C ALA A 257 -21.92 -6.79 10.29
N TYR A 258 -21.48 -5.77 9.57
CA TYR A 258 -21.26 -5.87 8.14
C TYR A 258 -20.27 -7.01 7.81
N LEU A 259 -19.09 -6.99 8.45
CA LEU A 259 -18.02 -7.95 8.18
C LEU A 259 -18.34 -9.38 8.65
N LEU A 260 -19.10 -9.50 9.73
CA LEU A 260 -19.46 -10.79 10.30
C LEU A 260 -20.65 -11.44 9.59
N SER A 261 -21.32 -10.68 8.75
CA SER A 261 -22.51 -11.20 8.09
C SER A 261 -22.29 -11.38 6.59
N ASP A 262 -23.31 -11.94 5.95
CA ASP A 262 -23.31 -12.13 4.50
C ASP A 262 -23.28 -10.82 3.72
N LEU A 263 -23.56 -9.72 4.38
CA LEU A 263 -23.55 -8.41 3.73
C LEU A 263 -22.19 -8.11 3.11
N SER A 264 -21.14 -8.69 3.71
CA SER A 264 -19.78 -8.49 3.25
C SER A 264 -19.22 -9.73 2.56
N SER A 265 -20.06 -10.46 1.86
CA SER A 265 -19.55 -11.65 1.17
C SER A 265 -18.68 -11.23 -0.03
N GLY A 266 -17.66 -12.02 -0.33
CA GLY A 266 -16.66 -11.61 -1.30
C GLY A 266 -15.57 -10.68 -0.76
N VAL A 267 -15.69 -10.27 0.51
CA VAL A 267 -14.74 -9.36 1.10
C VAL A 267 -13.88 -10.09 2.14
N THR A 268 -12.59 -10.22 1.86
CA THR A 268 -11.68 -10.82 2.81
C THR A 268 -10.29 -10.18 2.71
N GLY A 269 -9.54 -10.18 3.81
CA GLY A 269 -8.20 -9.63 3.82
C GLY A 269 -8.20 -8.12 4.00
N GLU A 270 -9.36 -7.57 4.33
CA GLU A 270 -9.52 -6.14 4.34
C GLU A 270 -9.23 -5.57 5.74
N ASN A 271 -8.81 -4.32 5.76
CA ASN A 271 -8.72 -3.55 6.98
C ASN A 271 -9.58 -2.31 6.77
N ILE A 272 -10.69 -2.24 7.48
CA ILE A 272 -11.58 -1.09 7.39
C ILE A 272 -11.31 -0.12 8.53
N HIS A 273 -11.05 1.14 8.19
CA HIS A 273 -10.78 2.14 9.19
C HIS A 273 -12.07 2.86 9.60
N VAL A 274 -12.39 2.74 10.89
CA VAL A 274 -13.61 3.31 11.44
C VAL A 274 -13.26 4.52 12.31
N ASP A 275 -13.28 5.69 11.69
CA ASP A 275 -12.87 6.92 12.36
C ASP A 275 -13.82 8.06 12.02
N SER A 276 -14.64 8.45 12.99
CA SER A 276 -15.64 9.50 12.76
C SER A 276 -15.07 10.93 12.83
N GLY A 277 -13.99 11.17 12.08
CA GLY A 277 -13.39 12.50 12.02
C GLY A 277 -13.21 12.97 10.59
N LEU B 21 26.49 20.72 -0.46
CA LEU B 21 27.41 19.58 -0.44
C LEU B 21 28.17 19.48 -1.77
N TYR B 22 29.42 19.02 -1.71
CA TYR B 22 30.27 18.96 -2.90
C TYR B 22 30.50 17.53 -3.39
N PHE B 23 29.79 17.15 -4.45
CA PHE B 23 29.86 15.78 -4.96
C PHE B 23 31.28 15.30 -5.20
N GLN B 24 31.98 15.97 -6.11
CA GLN B 24 33.27 15.49 -6.60
C GLN B 24 33.16 14.00 -6.93
N GLY B 25 32.58 13.71 -8.08
CA GLY B 25 32.43 12.36 -8.57
C GLY B 25 33.73 11.83 -9.13
N ALA B 26 33.63 10.82 -9.99
CA ALA B 26 34.82 10.16 -10.50
C ALA B 26 35.46 9.37 -9.37
N MET B 27 35.77 10.06 -8.28
CA MET B 27 36.12 9.40 -7.01
C MET B 27 34.82 9.02 -6.28
N VAL B 28 34.08 8.07 -6.83
CA VAL B 28 32.86 7.60 -6.18
C VAL B 28 32.91 6.09 -5.91
N ASN B 29 33.49 5.74 -4.78
CA ASN B 29 33.65 4.34 -4.39
C ASN B 29 33.65 4.27 -2.88
N LEU B 30 33.98 3.10 -2.35
CA LEU B 30 33.85 2.84 -0.92
C LEU B 30 35.21 2.65 -0.23
N GLU B 31 36.25 3.17 -0.86
CA GLU B 31 37.57 3.23 -0.25
C GLU B 31 37.47 4.00 1.08
N ASN B 32 38.13 3.50 2.12
CA ASN B 32 38.05 4.12 3.44
C ASN B 32 36.73 3.93 4.20
N LYS B 33 35.78 3.19 3.61
CA LYS B 33 34.57 2.81 4.33
C LYS B 33 34.75 1.39 4.83
N THR B 34 34.09 1.08 5.95
CA THR B 34 34.13 -0.24 6.60
C THR B 34 32.71 -0.71 6.94
N TYR B 35 32.34 -1.92 6.48
CA TYR B 35 31.00 -2.43 6.73
C TYR B 35 31.08 -3.80 7.35
N VAL B 36 30.09 -4.07 8.19
CA VAL B 36 29.89 -5.37 8.79
C VAL B 36 28.89 -6.11 7.93
N ILE B 37 29.28 -7.25 7.38
CA ILE B 37 28.42 -8.03 6.52
C ILE B 37 27.94 -9.32 7.17
N MET B 38 26.62 -9.40 7.42
CA MET B 38 26.03 -10.58 8.03
C MET B 38 25.32 -11.43 6.99
N GLY B 39 25.24 -12.73 7.24
CA GLY B 39 24.40 -13.62 6.45
C GLY B 39 25.05 -14.43 5.33
N ILE B 40 26.37 -14.43 5.24
CA ILE B 40 27.03 -15.31 4.27
C ILE B 40 27.13 -16.75 4.80
N ALA B 41 26.69 -17.71 3.98
CA ALA B 41 26.85 -19.11 4.33
C ALA B 41 27.59 -19.92 3.26
N ASN B 42 27.61 -19.40 2.02
CA ASN B 42 28.28 -20.08 0.91
C ASN B 42 28.31 -19.21 -0.34
N LYS B 43 28.82 -19.78 -1.44
CA LYS B 43 29.03 -19.04 -2.69
C LYS B 43 27.76 -18.41 -3.24
N ARG B 44 26.65 -19.09 -3.02
CA ARG B 44 25.36 -18.66 -3.58
C ARG B 44 24.62 -17.66 -2.67
N SER B 45 25.06 -17.53 -1.43
CA SER B 45 24.44 -16.61 -0.50
C SER B 45 24.34 -15.25 -1.16
N ILE B 46 23.17 -14.63 -1.04
CA ILE B 46 22.98 -13.30 -1.62
C ILE B 46 23.94 -12.29 -0.99
N ALA B 47 24.22 -12.47 0.30
CA ALA B 47 25.10 -11.56 1.03
C ALA B 47 26.52 -11.64 0.48
N PHE B 48 26.83 -12.71 -0.24
CA PHE B 48 28.13 -12.82 -0.90
C PHE B 48 28.24 -11.95 -2.17
N GLY B 49 27.12 -11.73 -2.85
CA GLY B 49 27.08 -10.80 -3.95
C GLY B 49 27.36 -9.39 -3.44
N VAL B 50 26.76 -9.07 -2.29
CA VAL B 50 27.02 -7.81 -1.61
C VAL B 50 28.51 -7.70 -1.26
N ALA B 51 29.05 -8.73 -0.61
CA ALA B 51 30.46 -8.72 -0.20
C ALA B 51 31.41 -8.49 -1.38
N LYS B 52 31.21 -9.23 -2.48
CA LYS B 52 32.02 -9.07 -3.68
C LYS B 52 31.96 -7.65 -4.25
N VAL B 53 30.76 -7.10 -4.32
CA VAL B 53 30.53 -5.76 -4.85
C VAL B 53 31.22 -4.67 -4.03
N LEU B 54 31.03 -4.72 -2.72
CA LEU B 54 31.65 -3.76 -1.82
C LEU B 54 33.18 -3.90 -1.85
N ASP B 55 33.65 -5.15 -1.92
CA ASP B 55 35.08 -5.43 -1.97
C ASP B 55 35.70 -4.75 -3.19
N GLN B 56 35.01 -4.83 -4.33
CA GLN B 56 35.53 -4.26 -5.56
C GLN B 56 35.49 -2.74 -5.55
N LEU B 57 34.71 -2.17 -4.65
CA LEU B 57 34.56 -0.72 -4.53
C LEU B 57 35.50 -0.14 -3.49
N GLY B 58 36.27 -1.00 -2.84
CA GLY B 58 37.34 -0.55 -1.97
C GLY B 58 37.06 -0.69 -0.49
N ALA B 59 35.83 -1.07 -0.13
CA ALA B 59 35.46 -1.18 1.28
C ALA B 59 36.27 -2.22 2.06
N LYS B 60 36.42 -1.98 3.36
CA LYS B 60 36.94 -2.97 4.28
C LYS B 60 35.75 -3.67 4.94
N LEU B 61 35.78 -5.00 4.97
CA LEU B 61 34.63 -5.79 5.39
C LEU B 61 34.89 -6.65 6.64
N VAL B 62 33.89 -6.71 7.51
CA VAL B 62 33.91 -7.55 8.70
C VAL B 62 32.77 -8.53 8.53
N PHE B 63 33.01 -9.82 8.73
CA PHE B 63 31.95 -10.79 8.51
C PHE B 63 31.48 -11.47 9.80
N THR B 64 30.18 -11.69 9.91
CA THR B 64 29.62 -12.48 11.01
C THR B 64 29.15 -13.84 10.49
N TYR B 65 28.94 -14.76 11.43
CA TYR B 65 28.55 -16.12 11.09
C TYR B 65 28.13 -16.77 12.40
N ARG B 66 27.19 -17.70 12.33
CA ARG B 66 26.79 -18.43 13.53
C ARG B 66 27.48 -19.80 13.61
N LYS B 67 27.49 -20.52 12.49
CA LYS B 67 28.03 -21.88 12.47
C LYS B 67 29.47 -21.97 11.96
N GLU B 68 30.24 -22.86 12.59
CA GLU B 68 31.59 -23.22 12.13
C GLU B 68 31.62 -23.49 10.63
N ARG B 69 30.73 -24.36 10.18
CA ARG B 69 30.55 -24.64 8.76
C ARG B 69 30.64 -23.35 7.96
N SER B 70 29.86 -22.34 8.36
CA SER B 70 29.86 -21.05 7.67
C SER B 70 31.18 -20.28 7.81
N ARG B 71 31.90 -20.52 8.90
CA ARG B 71 33.18 -19.84 9.07
C ARG B 71 34.23 -20.37 8.10
N LYS B 72 34.24 -21.69 7.89
CA LYS B 72 35.17 -22.30 6.94
C LYS B 72 34.86 -21.91 5.48
N GLU B 73 33.57 -21.82 5.16
CA GLU B 73 33.15 -21.39 3.84
C GLU B 73 33.56 -19.92 3.60
N LEU B 74 33.57 -19.15 4.67
CA LEU B 74 34.00 -17.76 4.62
C LEU B 74 35.50 -17.65 4.39
N GLU B 75 36.28 -18.41 5.17
CA GLU B 75 37.72 -18.43 4.98
C GLU B 75 38.10 -18.75 3.55
N LYS B 76 37.34 -19.64 2.92
CA LYS B 76 37.57 -19.98 1.52
C LYS B 76 37.15 -18.82 0.60
N LEU B 77 35.96 -18.26 0.85
CA LEU B 77 35.44 -17.18 0.02
C LEU B 77 36.27 -15.89 0.08
N LEU B 78 36.95 -15.65 1.19
CA LEU B 78 37.88 -14.51 1.30
C LEU B 78 39.02 -14.59 0.27
N GLU B 79 39.39 -15.79 -0.14
CA GLU B 79 40.38 -15.99 -1.21
C GLU B 79 40.05 -15.16 -2.44
N GLN B 80 38.75 -15.05 -2.76
CA GLN B 80 38.30 -14.38 -3.97
C GLN B 80 38.05 -12.91 -3.72
N LEU B 81 38.35 -12.46 -2.52
CA LEU B 81 38.19 -11.05 -2.15
C LEU B 81 39.56 -10.39 -2.02
N ASN B 82 39.56 -9.08 -1.76
CA ASN B 82 40.81 -8.35 -1.62
C ASN B 82 40.91 -7.69 -0.27
N GLN B 83 40.50 -8.42 0.76
CA GLN B 83 40.67 -7.97 2.14
C GLN B 83 42.03 -8.43 2.61
N PRO B 84 42.92 -7.48 2.95
CA PRO B 84 44.19 -7.88 3.57
C PRO B 84 43.95 -8.66 4.88
N GLU B 85 43.38 -8.00 5.87
CA GLU B 85 43.13 -8.66 7.16
C GLU B 85 41.71 -9.23 7.23
N ALA B 86 41.64 -10.54 7.48
CA ALA B 86 40.38 -11.25 7.62
C ALA B 86 39.72 -10.94 8.96
N HIS B 87 38.42 -10.65 8.94
CA HIS B 87 37.70 -10.34 10.17
C HIS B 87 36.40 -11.11 10.31
N LEU B 88 36.46 -12.23 11.01
CA LEU B 88 35.31 -13.11 11.22
C LEU B 88 34.93 -13.17 12.69
N TYR B 89 33.64 -12.98 12.95
CA TYR B 89 33.11 -12.98 14.30
C TYR B 89 31.89 -13.87 14.35
N GLN B 90 31.90 -14.80 15.29
CA GLN B 90 30.75 -15.64 15.53
C GLN B 90 29.71 -14.84 16.30
N ILE B 91 28.54 -14.72 15.70
CA ILE B 91 27.41 -14.09 16.36
C ILE B 91 26.12 -14.85 16.06
N ASP B 92 25.50 -15.39 17.10
CA ASP B 92 24.16 -15.93 17.00
C ASP B 92 23.20 -14.82 17.40
N VAL B 93 22.51 -14.24 16.42
CA VAL B 93 21.65 -13.07 16.67
C VAL B 93 20.54 -13.33 17.69
N GLN B 94 20.32 -14.60 18.01
CA GLN B 94 19.29 -14.97 18.96
C GLN B 94 19.79 -14.78 20.38
N SER B 95 21.09 -14.57 20.52
CA SER B 95 21.72 -14.33 21.80
C SER B 95 22.18 -12.87 21.96
N ASP B 96 21.57 -12.15 22.91
CA ASP B 96 21.93 -10.76 23.20
C ASP B 96 23.42 -10.65 23.52
N GLU B 97 23.90 -11.59 24.33
CA GLU B 97 25.30 -11.64 24.72
C GLU B 97 26.19 -11.57 23.49
N GLU B 98 25.97 -12.49 22.55
CA GLU B 98 26.80 -12.59 21.37
C GLU B 98 26.71 -11.37 20.44
N VAL B 99 25.57 -10.69 20.42
CA VAL B 99 25.48 -9.49 19.60
C VAL B 99 26.25 -8.34 20.25
N ILE B 100 26.01 -8.14 21.55
CA ILE B 100 26.68 -7.07 22.30
C ILE B 100 28.20 -7.23 22.29
N ASN B 101 28.68 -8.41 22.66
CA ASN B 101 30.10 -8.71 22.71
C ASN B 101 30.75 -8.79 21.33
N GLY B 102 30.02 -9.36 20.37
CA GLY B 102 30.53 -9.44 19.01
C GLY B 102 30.83 -8.05 18.49
N PHE B 103 29.87 -7.14 18.67
CA PHE B 103 30.03 -5.79 18.14
C PHE B 103 31.03 -4.96 18.93
N GLU B 104 31.06 -5.16 20.24
CA GLU B 104 32.07 -4.56 21.10
C GLU B 104 33.47 -4.91 20.59
N GLN B 105 33.66 -6.19 20.29
CA GLN B 105 34.95 -6.71 19.85
C GLN B 105 35.31 -6.22 18.45
N ILE B 106 34.30 -6.01 17.61
CA ILE B 106 34.53 -5.44 16.28
C ILE B 106 35.08 -4.02 16.39
N GLY B 107 34.57 -3.25 17.35
CA GLY B 107 35.01 -1.88 17.58
C GLY B 107 36.43 -1.80 18.12
N LYS B 108 36.79 -2.76 18.96
CA LYS B 108 38.17 -2.87 19.46
C LYS B 108 39.13 -3.18 18.31
N ASP B 109 38.81 -4.20 17.54
CA ASP B 109 39.68 -4.64 16.44
C ASP B 109 39.77 -3.65 15.28
N VAL B 110 38.63 -3.07 14.87
CA VAL B 110 38.62 -2.24 13.67
C VAL B 110 38.22 -0.79 13.89
N GLY B 111 37.72 -0.47 15.08
CA GLY B 111 37.25 0.87 15.34
C GLY B 111 35.84 1.13 14.81
N ASN B 112 35.59 2.38 14.42
CA ASN B 112 34.27 2.80 14.00
C ASN B 112 33.89 2.28 12.62
N ILE B 113 32.61 2.03 12.41
CA ILE B 113 32.18 1.52 11.11
C ILE B 113 31.27 2.50 10.37
N ASP B 114 30.96 2.18 9.11
CA ASP B 114 30.10 3.06 8.31
C ASP B 114 28.73 2.46 8.06
N GLY B 115 28.59 1.16 8.27
CA GLY B 115 27.32 0.53 8.01
C GLY B 115 27.26 -0.95 8.30
N VAL B 116 26.05 -1.49 8.18
CA VAL B 116 25.81 -2.91 8.39
C VAL B 116 24.88 -3.39 7.30
N TYR B 117 25.21 -4.53 6.74
CA TYR B 117 24.31 -5.20 5.84
C TYR B 117 23.77 -6.37 6.62
N HIS B 118 22.46 -6.32 6.88
CA HIS B 118 21.77 -7.29 7.74
C HIS B 118 20.98 -8.27 6.90
N SER B 119 21.21 -9.53 7.18
CA SER B 119 20.65 -10.60 6.39
C SER B 119 20.77 -11.89 7.21
N ILE B 120 19.90 -12.84 6.94
CA ILE B 120 19.98 -14.13 7.62
C ILE B 120 20.10 -15.21 6.58
N ALA B 121 21.11 -16.05 6.71
CA ALA B 121 21.36 -17.12 5.75
C ALA B 121 20.09 -17.96 5.50
N PHE B 122 19.86 -18.27 4.24
CA PHE B 122 18.65 -18.93 3.79
C PHE B 122 18.52 -20.31 4.43
N ALA B 123 19.67 -20.88 4.80
CA ALA B 123 19.73 -22.20 5.43
C ALA B 123 19.13 -22.19 6.84
N ASN B 124 19.41 -21.13 7.59
CA ASN B 124 18.90 -20.97 8.94
C ASN B 124 17.38 -21.04 9.04
N MET B 125 16.70 -20.51 8.03
CA MET B 125 15.24 -20.37 8.05
C MET B 125 14.50 -21.63 7.61
N GLU B 126 15.20 -22.56 6.98
CA GLU B 126 14.57 -23.77 6.47
C GLU B 126 14.71 -24.94 7.43
N ASP B 127 15.81 -24.97 8.18
CA ASP B 127 16.04 -26.05 9.14
C ASP B 127 15.33 -25.79 10.47
N LEU B 128 15.47 -24.57 10.97
CA LEU B 128 14.77 -24.14 12.17
C LEU B 128 13.30 -23.85 11.84
N ARG B 129 12.84 -24.48 10.77
CA ARG B 129 11.44 -24.37 10.34
C ARG B 129 10.78 -25.75 10.31
N GLY B 130 11.47 -26.72 9.75
CA GLY B 130 10.99 -28.09 9.75
C GLY B 130 10.87 -28.62 11.17
N ARG B 131 11.28 -27.80 12.13
CA ARG B 131 11.22 -28.16 13.54
C ARG B 131 9.82 -27.91 14.11
N PHE B 132 9.29 -26.71 13.88
CA PHE B 132 7.99 -26.30 14.41
C PHE B 132 6.91 -26.24 13.31
N SER B 133 5.65 -26.28 13.74
CA SER B 133 4.53 -26.15 12.82
C SER B 133 4.33 -24.68 12.43
N GLU B 134 3.87 -24.44 11.20
CA GLU B 134 3.67 -23.06 10.69
C GLU B 134 2.78 -22.27 11.65
N THR B 135 1.88 -23.00 12.28
CA THR B 135 0.78 -22.46 13.06
C THR B 135 1.14 -22.37 14.54
N SER B 136 2.28 -22.96 14.90
CA SER B 136 2.67 -23.04 16.31
C SER B 136 3.16 -21.71 16.86
N ARG B 137 2.88 -21.48 18.14
CA ARG B 137 3.31 -20.26 18.81
C ARG B 137 4.84 -20.13 18.74
N GLU B 138 5.51 -21.23 19.03
CA GLU B 138 6.97 -21.27 19.04
C GLU B 138 7.49 -20.93 17.65
N GLY B 139 6.88 -21.51 16.63
CA GLY B 139 7.26 -21.26 15.27
C GLY B 139 7.15 -19.80 14.94
N PHE B 140 6.01 -19.19 15.28
CA PHE B 140 5.72 -17.79 14.98
C PHE B 140 6.71 -16.86 15.68
N LEU B 141 7.00 -17.12 16.95
CA LEU B 141 7.86 -16.20 17.70
C LEU B 141 9.33 -16.29 17.25
N LEU B 142 9.73 -17.48 16.83
CA LEU B 142 11.08 -17.73 16.36
C LEU B 142 11.38 -17.03 15.02
N ALA B 143 10.40 -17.03 14.13
CA ALA B 143 10.49 -16.30 12.87
C ALA B 143 10.60 -14.81 13.16
N GLN B 144 9.79 -14.33 14.12
CA GLN B 144 9.81 -12.92 14.49
C GLN B 144 11.14 -12.52 15.16
N ASP B 145 11.71 -13.44 15.93
CA ASP B 145 12.97 -13.24 16.64
C ASP B 145 14.16 -13.12 15.66
N ILE B 146 14.28 -14.09 14.77
CA ILE B 146 15.42 -14.14 13.87
C ILE B 146 15.32 -13.15 12.71
N SER B 147 14.10 -12.96 12.20
CA SER B 147 13.87 -12.16 11.00
C SER B 147 13.68 -10.67 11.28
N SER B 148 13.19 -10.34 12.45
CA SER B 148 12.86 -8.94 12.67
C SER B 148 13.61 -8.36 13.86
N TYR B 149 13.46 -8.99 15.02
CA TYR B 149 14.06 -8.41 16.20
C TYR B 149 15.57 -8.35 16.09
N SER B 150 16.16 -9.35 15.44
CA SER B 150 17.60 -9.35 15.17
C SER B 150 18.09 -8.01 14.62
N LEU B 151 17.30 -7.39 13.74
CA LEU B 151 17.69 -6.11 13.18
C LEU B 151 17.71 -5.02 14.25
N THR B 152 16.70 -5.02 15.12
CA THR B 152 16.65 -4.06 16.22
C THR B 152 17.90 -4.09 17.14
N ILE B 153 18.27 -5.29 17.62
CA ILE B 153 19.38 -5.40 18.55
C ILE B 153 20.71 -5.22 17.82
N VAL B 154 20.78 -5.66 16.56
CA VAL B 154 21.94 -5.38 15.72
C VAL B 154 22.13 -3.88 15.51
N ALA B 155 21.03 -3.16 15.28
CA ALA B 155 21.16 -1.72 15.06
C ALA B 155 21.55 -1.02 16.34
N HIS B 156 21.04 -1.51 17.46
CA HIS B 156 21.35 -0.89 18.74
C HIS B 156 22.82 -1.03 19.13
N GLU B 157 23.44 -2.15 18.78
CA GLU B 157 24.84 -2.38 19.12
C GLU B 157 25.79 -1.78 18.06
N ALA B 158 25.41 -1.85 16.79
CA ALA B 158 26.20 -1.24 15.74
C ALA B 158 26.21 0.29 15.84
N LYS B 159 25.08 0.84 16.31
CA LYS B 159 24.97 2.29 16.55
C LYS B 159 26.12 2.85 17.38
N LYS B 160 26.61 2.04 18.33
CA LYS B 160 27.73 2.41 19.19
C LYS B 160 29.04 2.60 18.40
N LEU B 161 29.07 2.05 17.20
CA LEU B 161 30.26 2.14 16.36
C LEU B 161 30.05 3.13 15.20
N MET B 162 28.95 3.86 15.22
CA MET B 162 28.68 4.85 14.17
C MET B 162 28.38 6.24 14.76
N PRO B 163 29.34 6.77 15.56
CA PRO B 163 29.18 8.02 16.31
C PRO B 163 28.96 9.22 15.41
N GLU B 164 29.45 9.18 14.19
CA GLU B 164 29.20 10.27 13.24
C GLU B 164 28.06 9.91 12.29
N GLY B 165 27.37 8.81 12.58
CA GLY B 165 26.34 8.30 11.68
C GLY B 165 26.83 7.20 10.75
N GLY B 166 25.90 6.65 9.98
CA GLY B 166 26.17 5.49 9.14
C GLY B 166 24.94 5.02 8.36
N SER B 167 25.01 3.80 7.84
CA SER B 167 23.92 3.27 7.03
C SER B 167 23.68 1.78 7.31
N ILE B 168 22.43 1.43 7.59
CA ILE B 168 22.09 0.03 7.83
C ILE B 168 21.09 -0.45 6.80
N VAL B 169 21.35 -1.63 6.26
CA VAL B 169 20.56 -2.19 5.19
C VAL B 169 20.11 -3.57 5.59
N ALA B 170 18.80 -3.81 5.55
CA ALA B 170 18.25 -5.12 5.83
C ALA B 170 17.64 -5.69 4.55
N THR B 171 17.99 -6.92 4.22
CA THR B 171 17.37 -7.61 3.10
C THR B 171 16.22 -8.48 3.56
N THR B 172 15.37 -8.84 2.61
CA THR B 172 14.10 -9.47 2.87
C THR B 172 14.06 -10.89 2.28
N TYR B 173 15.06 -11.20 1.45
CA TYR B 173 15.26 -12.51 0.79
C TYR B 173 15.06 -12.40 -0.73
N ALA B 179 8.75 -22.66 1.52
CA ALA B 179 7.76 -23.70 1.23
C ALA B 179 6.53 -23.60 2.13
N VAL B 180 5.46 -22.99 1.62
CA VAL B 180 4.23 -22.81 2.40
C VAL B 180 3.25 -23.96 2.18
N GLN B 181 2.64 -24.43 3.26
CA GLN B 181 1.65 -25.50 3.19
C GLN B 181 0.23 -24.96 3.19
N ASN B 182 -0.11 -24.17 4.21
CA ASN B 182 -1.41 -23.52 4.31
C ASN B 182 -1.22 -22.07 4.74
N TYR B 183 -0.43 -21.91 5.79
CA TYR B 183 -0.24 -20.64 6.45
C TYR B 183 1.21 -20.19 6.32
N ASN B 184 1.39 -19.03 5.71
CA ASN B 184 2.71 -18.51 5.43
C ASN B 184 3.25 -17.63 6.57
N VAL B 185 3.69 -18.29 7.65
CA VAL B 185 4.17 -17.61 8.86
C VAL B 185 5.35 -16.66 8.57
N MET B 186 6.17 -17.02 7.60
CA MET B 186 7.34 -16.24 7.27
C MET B 186 6.94 -14.92 6.58
N GLY B 187 5.87 -14.96 5.81
CA GLY B 187 5.29 -13.76 5.24
C GLY B 187 5.01 -12.70 6.30
N VAL B 188 4.53 -13.15 7.46
CA VAL B 188 4.27 -12.26 8.58
C VAL B 188 5.55 -11.73 9.26
N ALA B 189 6.55 -12.61 9.40
CA ALA B 189 7.84 -12.20 9.90
C ALA B 189 8.43 -11.11 8.99
N LYS B 190 8.32 -11.31 7.68
CA LYS B 190 8.79 -10.33 6.71
C LYS B 190 8.13 -8.96 6.88
N ALA B 191 6.79 -8.94 6.87
CA ALA B 191 6.07 -7.70 7.08
C ALA B 191 6.50 -7.01 8.37
N SER B 192 6.66 -7.80 9.43
CA SER B 192 7.22 -7.33 10.69
C SER B 192 8.58 -6.60 10.52
N LEU B 193 9.52 -7.25 9.84
CA LEU B 193 10.83 -6.68 9.49
C LEU B 193 10.77 -5.37 8.71
N GLU B 194 9.95 -5.35 7.67
CA GLU B 194 9.74 -4.13 6.88
C GLU B 194 9.27 -2.96 7.73
N ALA B 195 8.39 -3.23 8.70
CA ALA B 195 7.94 -2.19 9.61
C ALA B 195 9.04 -1.81 10.59
N ASN B 196 9.75 -2.83 11.08
CA ASN B 196 10.91 -2.63 11.92
C ASN B 196 11.88 -1.63 11.26
N VAL B 197 12.10 -1.81 9.95
CA VAL B 197 12.98 -0.93 9.19
C VAL B 197 12.51 0.53 9.27
N LYS B 198 11.25 0.77 8.93
CA LYS B 198 10.70 2.13 8.93
C LYS B 198 10.74 2.81 10.29
N TYR B 199 10.51 2.05 11.37
CA TYR B 199 10.57 2.60 12.73
C TYR B 199 12.01 2.83 13.21
N LEU B 200 12.94 1.98 12.78
CA LEU B 200 14.34 2.23 13.06
C LEU B 200 14.80 3.46 12.32
N ALA B 201 14.41 3.56 11.06
CA ALA B 201 14.69 4.76 10.28
C ALA B 201 14.25 5.99 11.06
N LEU B 202 13.07 5.91 11.69
CA LEU B 202 12.51 7.01 12.46
C LEU B 202 13.33 7.28 13.71
N ASP B 203 13.47 6.26 14.54
CA ASP B 203 14.21 6.35 15.78
C ASP B 203 15.69 6.79 15.57
N LEU B 204 16.32 6.34 14.49
CA LEU B 204 17.76 6.56 14.31
C LEU B 204 18.17 7.81 13.50
N GLY B 205 17.22 8.46 12.86
CA GLY B 205 17.52 9.67 12.11
C GLY B 205 18.30 10.70 12.91
N PRO B 206 17.82 11.04 14.12
CA PRO B 206 18.57 12.01 14.93
C PRO B 206 20.02 11.58 15.20
N ASP B 207 20.31 10.29 15.07
CA ASP B 207 21.70 9.83 15.24
C ASP B 207 22.44 9.78 13.90
N ASN B 208 21.82 10.32 12.85
CA ASN B 208 22.41 10.38 11.51
C ASN B 208 22.65 8.99 10.91
N ILE B 209 21.78 8.05 11.26
CA ILE B 209 21.92 6.67 10.83
C ILE B 209 20.73 6.31 9.95
N ARG B 210 21.00 6.08 8.68
CA ARG B 210 19.93 5.72 7.76
C ARG B 210 19.66 4.21 7.85
N VAL B 211 18.41 3.84 7.71
CA VAL B 211 18.03 2.44 7.71
C VAL B 211 17.09 2.18 6.52
N ASN B 212 17.45 1.19 5.71
CA ASN B 212 16.68 0.89 4.50
C ASN B 212 16.64 -0.61 4.28
N ALA B 213 15.78 -1.05 3.37
CA ALA B 213 15.56 -2.47 3.12
C ALA B 213 15.67 -2.76 1.64
N ILE B 214 15.98 -4.01 1.30
CA ILE B 214 15.93 -4.46 -0.09
C ILE B 214 15.01 -5.65 -0.15
N SER B 215 14.08 -5.64 -1.12
CA SER B 215 13.14 -6.74 -1.30
C SER B 215 13.20 -7.27 -2.72
N ALA B 216 12.55 -8.40 -2.94
CA ALA B 216 12.37 -8.97 -4.27
C ALA B 216 11.23 -8.24 -4.97
N GLY B 217 11.41 -7.94 -6.26
CA GLY B 217 10.48 -7.08 -6.96
C GLY B 217 9.69 -7.74 -8.09
N PRO B 218 8.35 -7.61 -8.02
CA PRO B 218 7.46 -7.93 -9.13
C PRO B 218 6.65 -6.70 -9.55
N ILE B 219 5.91 -6.13 -8.61
CA ILE B 219 5.03 -4.98 -8.86
C ILE B 219 5.63 -3.68 -8.32
N ARG B 220 6.25 -3.75 -7.15
CA ARG B 220 6.85 -2.58 -6.52
C ARG B 220 8.33 -2.47 -6.83
N GLY B 229 1.01 -18.47 -25.73
CA GLY B 229 1.83 -18.66 -24.54
C GLY B 229 2.92 -19.68 -24.76
N PHE B 230 3.16 -20.01 -26.01
CA PHE B 230 4.11 -21.05 -26.38
C PHE B 230 5.56 -20.59 -26.21
N ASN B 231 5.80 -19.30 -26.49
CA ASN B 231 7.14 -18.72 -26.43
C ASN B 231 7.81 -18.89 -25.08
N THR B 232 7.02 -18.99 -24.03
CA THR B 232 7.56 -19.22 -22.70
C THR B 232 8.16 -20.61 -22.65
N ILE B 233 7.40 -21.57 -23.17
CA ILE B 233 7.86 -22.95 -23.30
C ILE B 233 9.19 -23.01 -24.08
N LEU B 234 9.23 -22.36 -25.23
CA LEU B 234 10.42 -22.30 -26.07
C LEU B 234 11.62 -21.72 -25.32
N LYS B 235 11.38 -20.70 -24.50
CA LYS B 235 12.43 -20.12 -23.67
C LYS B 235 12.98 -21.17 -22.72
N GLU B 236 12.08 -21.95 -22.13
CA GLU B 236 12.47 -23.01 -21.21
C GLU B 236 13.28 -24.07 -21.91
N ILE B 237 12.82 -24.49 -23.09
CA ILE B 237 13.53 -25.51 -23.87
C ILE B 237 14.99 -25.11 -24.09
N GLU B 238 15.25 -23.84 -24.35
CA GLU B 238 16.60 -23.36 -24.60
C GLU B 238 17.49 -23.42 -23.35
N GLU B 239 16.91 -23.12 -22.20
CA GLU B 239 17.71 -23.05 -20.97
C GLU B 239 18.03 -24.47 -20.48
N ARG B 240 17.41 -25.46 -21.12
CA ARG B 240 17.57 -26.85 -20.70
C ARG B 240 17.04 -27.02 -19.28
N ALA B 241 16.29 -26.04 -18.81
CA ALA B 241 15.81 -26.02 -17.43
C ALA B 241 14.54 -25.19 -17.27
N PRO B 242 13.80 -25.41 -16.17
CA PRO B 242 12.60 -24.61 -15.89
C PRO B 242 12.97 -23.20 -15.45
N LEU B 243 12.07 -22.24 -15.61
CA LEU B 243 12.32 -20.87 -15.16
C LEU B 243 11.57 -20.53 -13.86
N LYS B 244 12.29 -20.00 -12.89
CA LYS B 244 11.72 -19.75 -11.55
C LYS B 244 12.09 -18.39 -10.94
N ARG B 245 11.82 -18.27 -9.64
CA ARG B 245 12.12 -17.05 -8.89
C ARG B 245 13.55 -16.60 -9.08
N ASN B 246 13.71 -15.49 -9.81
CA ASN B 246 15.03 -14.92 -10.06
C ASN B 246 15.36 -13.76 -9.12
N VAL B 247 16.28 -13.98 -8.17
CA VAL B 247 16.93 -12.83 -7.52
C VAL B 247 18.45 -12.85 -7.69
N ASP B 248 18.96 -11.88 -8.43
CA ASP B 248 20.39 -11.83 -8.75
C ASP B 248 21.25 -11.20 -7.64
N GLN B 249 22.14 -12.00 -7.08
CA GLN B 249 23.04 -11.59 -5.99
C GLN B 249 23.78 -10.27 -6.27
N VAL B 250 24.24 -10.10 -7.51
CA VAL B 250 25.02 -8.92 -7.87
C VAL B 250 24.13 -7.70 -7.96
N GLU B 251 22.93 -7.90 -8.50
CA GLU B 251 21.96 -6.82 -8.56
C GLU B 251 21.61 -6.37 -7.14
N VAL B 252 21.55 -7.31 -6.20
CA VAL B 252 21.34 -6.93 -4.80
C VAL B 252 22.55 -6.17 -4.20
N GLY B 253 23.77 -6.67 -4.47
CA GLY B 253 24.98 -6.01 -4.02
C GLY B 253 25.08 -4.59 -4.50
N LYS B 254 24.69 -4.35 -5.76
CA LYS B 254 24.75 -3.02 -6.34
C LYS B 254 23.80 -2.05 -5.63
N THR B 255 22.57 -2.48 -5.40
CA THR B 255 21.62 -1.64 -4.69
C THR B 255 22.07 -1.46 -3.23
N ALA B 256 22.59 -2.53 -2.65
CA ALA B 256 23.13 -2.43 -1.29
C ALA B 256 24.23 -1.37 -1.21
N ALA B 257 25.14 -1.40 -2.19
CA ALA B 257 26.24 -0.43 -2.27
C ALA B 257 25.71 0.99 -2.39
N TYR B 258 24.71 1.18 -3.25
CA TYR B 258 24.05 2.47 -3.34
C TYR B 258 23.53 2.86 -1.95
N LEU B 259 22.76 1.97 -1.30
CA LEU B 259 22.16 2.29 0.00
C LEU B 259 23.19 2.47 1.13
N LEU B 260 24.28 1.72 1.09
CA LEU B 260 25.32 1.85 2.13
C LEU B 260 26.24 3.05 1.88
N SER B 261 26.25 3.56 0.66
CA SER B 261 27.14 4.65 0.28
C SER B 261 26.48 6.02 0.47
N ASP B 262 27.30 7.05 0.28
CA ASP B 262 26.88 8.44 0.39
C ASP B 262 26.02 8.84 -0.82
N LEU B 263 26.08 8.06 -1.90
CA LEU B 263 25.16 8.24 -3.03
C LEU B 263 23.71 8.42 -2.56
N SER B 264 23.33 7.67 -1.53
CA SER B 264 21.95 7.67 -1.05
C SER B 264 21.76 8.52 0.21
N SER B 265 22.45 9.66 0.26
CA SER B 265 22.50 10.41 1.52
C SER B 265 21.14 10.89 2.02
N GLY B 266 20.21 11.17 1.10
CA GLY B 266 18.88 11.63 1.51
C GLY B 266 17.79 10.55 1.54
N VAL B 267 18.17 9.31 1.79
CA VAL B 267 17.25 8.21 1.64
C VAL B 267 17.23 7.33 2.88
N THR B 268 16.08 7.27 3.57
CA THR B 268 15.97 6.37 4.71
C THR B 268 14.53 5.91 4.89
N GLY B 269 14.34 4.72 5.48
CA GLY B 269 13.00 4.18 5.70
C GLY B 269 12.36 3.75 4.38
N GLU B 270 13.20 3.53 3.38
CA GLU B 270 12.71 3.17 2.06
C GLU B 270 12.87 1.67 1.89
N ASN B 271 12.14 1.10 0.93
CA ASN B 271 12.28 -0.32 0.64
C ASN B 271 12.45 -0.50 -0.85
N ILE B 272 13.62 -0.93 -1.28
CA ILE B 272 13.91 -0.99 -2.71
C ILE B 272 13.77 -2.41 -3.25
N HIS B 273 12.98 -2.57 -4.30
CA HIS B 273 12.62 -3.88 -4.85
C HIS B 273 13.48 -4.15 -6.04
N VAL B 274 14.26 -5.21 -5.99
CA VAL B 274 15.02 -5.58 -7.17
C VAL B 274 14.43 -6.85 -7.77
N ASP B 275 14.27 -6.86 -9.08
CA ASP B 275 14.10 -8.10 -9.82
C ASP B 275 13.93 -7.79 -11.30
N ASN C 20 45.61 -8.79 -5.72
CA ASN C 20 44.89 -9.09 -6.95
C ASN C 20 44.24 -7.85 -7.59
N LEU C 21 43.62 -7.00 -6.77
CA LEU C 21 43.02 -5.77 -7.26
C LEU C 21 43.92 -4.55 -7.08
N TYR C 22 44.39 -4.01 -8.20
CA TYR C 22 45.35 -2.91 -8.16
C TYR C 22 44.76 -1.51 -8.35
N PHE C 23 43.47 -1.42 -8.70
CA PHE C 23 42.81 -0.13 -8.86
C PHE C 23 41.44 -0.12 -8.19
N GLN C 24 41.03 1.04 -7.69
CA GLN C 24 39.71 1.14 -7.07
C GLN C 24 38.62 1.33 -8.12
N GLY C 25 37.56 0.54 -8.02
CA GLY C 25 36.45 0.62 -8.95
C GLY C 25 35.57 1.82 -8.71
N ALA C 26 34.85 2.26 -9.73
CA ALA C 26 33.89 3.33 -9.55
C ALA C 26 32.48 2.75 -9.44
N MET C 27 31.70 3.23 -8.46
CA MET C 27 30.29 2.82 -8.32
C MET C 27 29.50 3.11 -9.59
N VAL C 28 29.62 4.33 -10.09
CA VAL C 28 29.00 4.76 -11.35
C VAL C 28 30.03 5.45 -12.27
N ASN C 29 29.98 5.17 -13.57
CA ASN C 29 30.82 5.85 -14.57
C ASN C 29 30.11 5.93 -15.91
N LEU C 30 29.80 7.15 -16.34
CA LEU C 30 28.87 7.37 -17.45
C LEU C 30 29.51 7.76 -18.80
N GLU C 31 30.82 7.55 -18.90
CA GLU C 31 31.57 7.76 -20.16
C GLU C 31 31.00 6.88 -21.27
N ASN C 32 30.86 7.42 -22.46
CA ASN C 32 30.13 6.69 -23.50
C ASN C 32 28.64 6.45 -23.20
N LYS C 33 28.09 7.22 -22.25
CA LYS C 33 26.64 7.21 -22.03
C LYS C 33 26.03 8.57 -22.40
N THR C 34 24.86 8.53 -23.00
CA THR C 34 24.15 9.76 -23.38
C THR C 34 22.78 9.89 -22.70
N TYR C 35 22.57 10.97 -21.97
CA TYR C 35 21.30 11.20 -21.28
C TYR C 35 20.64 12.49 -21.69
N VAL C 36 19.32 12.48 -21.74
CA VAL C 36 18.54 13.68 -22.00
C VAL C 36 18.01 14.22 -20.68
N ILE C 37 18.34 15.47 -20.39
CA ILE C 37 17.88 16.10 -19.15
C ILE C 37 16.89 17.25 -19.41
N MET C 38 15.67 17.08 -18.90
CA MET C 38 14.55 17.94 -19.25
C MET C 38 14.04 18.79 -18.11
N GLY C 39 13.81 20.06 -18.40
CA GLY C 39 13.18 20.96 -17.46
C GLY C 39 14.12 21.73 -16.55
N ILE C 40 15.31 22.05 -17.06
CA ILE C 40 16.19 22.97 -16.36
C ILE C 40 15.75 24.37 -16.72
N ALA C 41 15.61 25.22 -15.72
CA ALA C 41 15.19 26.57 -15.94
C ALA C 41 16.29 27.52 -15.50
N ASN C 42 16.85 27.25 -14.33
CA ASN C 42 17.87 28.13 -13.79
C ASN C 42 18.85 27.36 -12.92
N LYS C 43 19.83 28.07 -12.37
CA LYS C 43 20.84 27.44 -11.53
C LYS C 43 20.22 26.76 -10.31
N ARG C 44 18.96 27.08 -10.01
CA ARG C 44 18.29 26.58 -8.82
C ARG C 44 17.39 25.38 -9.10
N SER C 45 17.29 24.98 -10.36
CA SER C 45 16.48 23.83 -10.73
C SER C 45 17.08 22.55 -10.17
N ILE C 46 16.22 21.60 -9.78
CA ILE C 46 16.70 20.32 -9.27
C ILE C 46 17.41 19.58 -10.40
N ALA C 47 16.94 19.75 -11.62
CA ALA C 47 17.58 19.10 -12.77
C ALA C 47 19.00 19.61 -13.02
N PHE C 48 19.24 20.90 -12.75
CA PHE C 48 20.60 21.43 -12.90
C PHE C 48 21.63 20.71 -12.03
N GLY C 49 21.23 20.34 -10.81
CA GLY C 49 22.07 19.56 -9.93
C GLY C 49 22.26 18.13 -10.39
N VAL C 50 21.28 17.63 -11.14
CA VAL C 50 21.40 16.30 -11.76
C VAL C 50 22.43 16.39 -12.88
N ALA C 51 22.37 17.49 -13.63
CA ALA C 51 23.30 17.74 -14.71
C ALA C 51 24.74 17.80 -14.20
N LYS C 52 25.01 18.70 -13.25
CA LYS C 52 26.32 18.76 -12.60
C LYS C 52 26.84 17.39 -12.14
N VAL C 53 25.97 16.58 -11.55
CA VAL C 53 26.37 15.23 -11.12
C VAL C 53 26.66 14.27 -12.29
N LEU C 54 25.83 14.29 -13.32
CA LEU C 54 26.02 13.36 -14.44
C LEU C 54 27.22 13.80 -15.24
N ASP C 55 27.41 15.11 -15.30
CA ASP C 55 28.54 15.70 -15.99
C ASP C 55 29.84 15.22 -15.34
N GLN C 56 29.92 15.31 -14.01
CA GLN C 56 31.11 14.83 -13.29
C GLN C 56 31.31 13.33 -13.42
N LEU C 57 30.26 12.60 -13.75
CA LEU C 57 30.39 11.17 -13.97
C LEU C 57 30.74 10.93 -15.44
N GLY C 58 30.91 12.02 -16.18
CA GLY C 58 31.41 11.94 -17.55
C GLY C 58 30.39 11.53 -18.58
N ALA C 59 29.13 11.87 -18.35
CA ALA C 59 28.08 11.54 -19.31
C ALA C 59 28.00 12.60 -20.42
N LYS C 60 27.48 12.19 -21.56
CA LYS C 60 27.13 13.15 -22.60
C LYS C 60 25.68 13.59 -22.37
N LEU C 61 25.48 14.90 -22.23
CA LEU C 61 24.17 15.41 -21.82
C LEU C 61 23.49 16.20 -22.92
N VAL C 62 22.19 15.99 -23.06
CA VAL C 62 21.37 16.78 -23.96
C VAL C 62 20.34 17.49 -23.09
N PHE C 63 20.00 18.73 -23.43
CA PHE C 63 19.06 19.49 -22.60
C PHE C 63 17.88 19.99 -23.39
N THR C 64 16.69 19.81 -22.84
CA THR C 64 15.48 20.39 -23.43
C THR C 64 15.00 21.55 -22.55
N TYR C 65 14.31 22.51 -23.15
CA TYR C 65 13.68 23.60 -22.40
C TYR C 65 12.34 23.98 -23.05
N ARG C 66 11.41 24.48 -22.26
CA ARG C 66 10.05 24.72 -22.74
C ARG C 66 9.99 25.97 -23.61
N LYS C 67 10.38 27.10 -23.01
CA LYS C 67 10.29 28.40 -23.66
C LYS C 67 11.58 28.78 -24.37
N GLU C 68 11.47 29.16 -25.63
CA GLU C 68 12.61 29.60 -26.43
C GLU C 68 13.14 30.91 -25.88
N ARG C 69 12.46 31.42 -24.86
CA ARG C 69 12.83 32.69 -24.24
C ARG C 69 13.85 32.46 -23.13
N SER C 70 14.29 31.22 -22.97
CA SER C 70 15.23 30.89 -21.89
C SER C 70 16.40 30.03 -22.37
N ARG C 71 16.59 29.97 -23.69
CA ARG C 71 17.73 29.26 -24.27
C ARG C 71 19.05 29.94 -23.92
N LYS C 72 19.01 31.27 -23.82
CA LYS C 72 20.19 32.07 -23.49
C LYS C 72 20.71 31.76 -22.08
N GLU C 73 19.79 31.36 -21.19
CA GLU C 73 20.16 30.99 -19.82
C GLU C 73 20.85 29.63 -19.76
N LEU C 74 20.28 28.65 -20.43
CA LEU C 74 20.85 27.31 -20.46
C LEU C 74 22.27 27.32 -21.00
N GLU C 75 22.47 28.13 -22.04
CA GLU C 75 23.81 28.30 -22.62
C GLU C 75 24.78 28.76 -21.54
N LYS C 76 24.36 29.76 -20.76
CA LYS C 76 25.17 30.23 -19.63
C LYS C 76 25.46 29.13 -18.62
N LEU C 77 24.41 28.43 -18.17
CA LEU C 77 24.57 27.32 -17.23
C LEU C 77 25.54 26.27 -17.76
N LEU C 78 25.39 25.90 -19.03
CA LEU C 78 26.23 24.85 -19.64
C LEU C 78 27.73 25.14 -19.55
N GLU C 79 28.08 26.38 -19.22
CA GLU C 79 29.48 26.75 -19.06
C GLU C 79 30.07 26.11 -17.80
N GLN C 80 29.31 26.13 -16.71
CA GLN C 80 29.75 25.50 -15.47
C GLN C 80 29.94 24.01 -15.69
N LEU C 81 29.63 23.55 -16.89
CA LEU C 81 29.64 22.13 -17.19
C LEU C 81 30.81 21.77 -18.08
N ASN C 82 31.24 20.52 -17.98
CA ASN C 82 32.35 20.01 -18.78
C ASN C 82 31.87 19.32 -20.05
N GLN C 83 31.06 20.01 -20.84
CA GLN C 83 30.46 19.38 -22.02
C GLN C 83 31.03 19.95 -23.31
N PRO C 84 31.79 19.12 -24.06
CA PRO C 84 32.49 19.47 -25.31
C PRO C 84 31.61 20.23 -26.30
N GLU C 85 30.49 19.65 -26.71
CA GLU C 85 29.53 20.40 -27.51
C GLU C 85 28.14 20.48 -26.86
N ALA C 86 27.51 21.64 -26.99
CA ALA C 86 26.23 21.93 -26.34
C ALA C 86 25.05 21.48 -27.19
N HIS C 87 24.18 20.65 -26.60
CA HIS C 87 22.98 20.19 -27.28
C HIS C 87 21.73 20.70 -26.56
N LEU C 88 21.13 21.74 -27.12
CA LEU C 88 19.98 22.39 -26.51
C LEU C 88 18.78 22.33 -27.44
N TYR C 89 17.66 21.85 -26.91
CA TYR C 89 16.44 21.68 -27.69
C TYR C 89 15.27 22.32 -26.99
N GLN C 90 14.49 23.09 -27.74
CA GLN C 90 13.21 23.57 -27.24
C GLN C 90 12.17 22.46 -27.37
N ILE C 91 11.62 22.04 -26.25
CA ILE C 91 10.51 21.11 -26.24
C ILE C 91 9.52 21.46 -25.14
N ASP C 92 8.38 22.03 -25.52
CA ASP C 92 7.23 22.08 -24.62
C ASP C 92 6.49 20.75 -24.73
N VAL C 93 6.51 19.98 -23.64
CA VAL C 93 5.93 18.63 -23.65
C VAL C 93 4.39 18.59 -23.68
N GLN C 94 3.75 19.71 -23.36
CA GLN C 94 2.32 19.86 -23.62
C GLN C 94 2.00 19.73 -25.12
N SER C 95 3.00 19.92 -25.98
CA SER C 95 2.78 19.77 -27.42
C SER C 95 3.38 18.50 -27.97
N ASP C 96 2.53 17.66 -28.56
CA ASP C 96 2.97 16.41 -29.16
C ASP C 96 4.08 16.65 -30.18
N GLU C 97 3.81 17.56 -31.12
CA GLU C 97 4.72 17.75 -32.24
C GLU C 97 6.12 18.16 -31.79
N GLU C 98 6.19 19.00 -30.76
CA GLU C 98 7.48 19.39 -30.20
C GLU C 98 8.21 18.20 -29.54
N VAL C 99 7.46 17.30 -28.93
CA VAL C 99 8.06 16.12 -28.28
C VAL C 99 8.49 15.07 -29.31
N ILE C 100 7.68 14.94 -30.36
CA ILE C 100 7.99 14.02 -31.44
C ILE C 100 9.17 14.55 -32.22
N ASN C 101 9.01 15.75 -32.78
CA ASN C 101 10.08 16.33 -33.58
C ASN C 101 11.33 16.48 -32.75
N GLY C 102 11.23 17.16 -31.62
CA GLY C 102 12.30 17.27 -30.65
C GLY C 102 13.15 16.02 -30.47
N PHE C 103 12.53 14.91 -30.09
CA PHE C 103 13.28 13.65 -29.95
C PHE C 103 13.82 13.12 -31.28
N GLU C 104 13.12 13.40 -32.36
CA GLU C 104 13.59 13.02 -33.68
C GLU C 104 14.97 13.64 -33.96
N GLN C 105 15.06 14.96 -33.79
CA GLN C 105 16.32 15.69 -33.98
C GLN C 105 17.45 15.11 -33.14
N ILE C 106 17.15 14.85 -31.87
CA ILE C 106 18.11 14.27 -30.96
C ILE C 106 18.68 12.98 -31.55
N GLY C 107 17.79 12.16 -32.09
CA GLY C 107 18.19 10.89 -32.70
C GLY C 107 19.20 11.03 -33.82
N LYS C 108 19.05 12.08 -34.64
CA LYS C 108 19.92 12.32 -35.77
C LYS C 108 21.24 12.95 -35.32
N ASP C 109 21.12 13.90 -34.39
CA ASP C 109 22.26 14.69 -33.92
C ASP C 109 23.26 13.88 -33.08
N VAL C 110 22.75 13.08 -32.14
CA VAL C 110 23.61 12.37 -31.19
C VAL C 110 23.41 10.85 -31.15
N GLY C 111 22.59 10.34 -32.06
CA GLY C 111 22.26 8.92 -32.08
C GLY C 111 21.36 8.49 -30.93
N ASN C 112 21.46 7.22 -30.58
CA ASN C 112 20.68 6.62 -29.50
C ASN C 112 21.09 7.14 -28.12
N ILE C 113 20.17 7.09 -27.17
CA ILE C 113 20.51 7.58 -25.84
C ILE C 113 20.43 6.43 -24.85
N ASP C 114 20.91 6.68 -23.64
CA ASP C 114 20.90 5.66 -22.60
C ASP C 114 19.77 5.89 -21.58
N GLY C 115 19.15 7.06 -21.62
CA GLY C 115 18.14 7.40 -20.64
C GLY C 115 17.68 8.84 -20.66
N VAL C 116 16.56 9.10 -19.97
CA VAL C 116 15.94 10.41 -19.89
C VAL C 116 15.70 10.77 -18.44
N TYR C 117 16.09 11.98 -18.05
CA TYR C 117 15.65 12.52 -16.79
C TYR C 117 14.54 13.54 -17.05
N HIS C 118 13.39 13.35 -16.42
CA HIS C 118 12.25 14.24 -16.65
C HIS C 118 11.78 14.94 -15.39
N SER C 119 11.89 16.26 -15.42
CA SER C 119 11.53 17.11 -14.30
C SER C 119 10.04 17.52 -14.38
N ILE C 120 9.26 17.03 -13.43
CA ILE C 120 7.82 17.24 -13.41
C ILE C 120 7.47 18.60 -12.82
N ALA C 121 6.60 19.34 -13.52
CA ALA C 121 6.14 20.66 -13.06
C ALA C 121 4.78 20.55 -12.36
N GLU C 134 -14.37 23.20 -4.68
CA GLU C 134 -14.16 22.17 -5.68
C GLU C 134 -13.58 22.80 -6.94
N THR C 135 -12.66 22.08 -7.59
CA THR C 135 -11.95 22.67 -8.72
C THR C 135 -12.54 22.32 -10.08
N SER C 136 -12.12 23.07 -11.08
CA SER C 136 -12.66 23.00 -12.43
C SER C 136 -12.20 21.77 -13.18
N ARG C 137 -12.98 21.38 -14.20
CA ARG C 137 -12.60 20.28 -15.05
C ARG C 137 -11.28 20.60 -15.74
N GLU C 138 -11.18 21.82 -16.26
CA GLU C 138 -9.99 22.22 -17.00
C GLU C 138 -8.80 22.27 -16.06
N GLY C 139 -9.01 22.84 -14.87
CA GLY C 139 -7.98 22.87 -13.87
C GLY C 139 -7.45 21.46 -13.62
N PHE C 140 -8.37 20.51 -13.52
CA PHE C 140 -8.03 19.12 -13.19
C PHE C 140 -7.34 18.35 -14.31
N LEU C 141 -7.87 18.44 -15.53
CA LEU C 141 -7.30 17.71 -16.66
C LEU C 141 -5.95 18.31 -17.10
N LEU C 142 -5.74 19.57 -16.79
CA LEU C 142 -4.50 20.24 -17.16
C LEU C 142 -3.37 19.72 -16.27
N ALA C 143 -3.66 19.59 -14.98
CA ALA C 143 -2.71 19.01 -14.05
C ALA C 143 -2.38 17.54 -14.38
N GLN C 144 -3.36 16.82 -14.92
CA GLN C 144 -3.12 15.45 -15.36
C GLN C 144 -2.29 15.42 -16.63
N ASP C 145 -2.46 16.44 -17.45
CA ASP C 145 -1.70 16.58 -18.68
C ASP C 145 -0.24 16.93 -18.37
N ILE C 146 -0.07 18.03 -17.64
CA ILE C 146 1.25 18.52 -17.29
C ILE C 146 2.03 17.59 -16.35
N SER C 147 1.39 17.09 -15.30
CA SER C 147 2.11 16.34 -14.27
C SER C 147 2.15 14.82 -14.47
N SER C 148 1.36 14.30 -15.41
CA SER C 148 1.29 12.84 -15.50
C SER C 148 1.46 12.30 -16.91
N TYR C 149 0.65 12.79 -17.85
CA TYR C 149 0.75 12.29 -19.21
C TYR C 149 2.09 12.66 -19.86
N SER C 150 2.68 13.78 -19.42
CA SER C 150 3.99 14.19 -19.94
C SER C 150 5.00 13.05 -19.90
N LEU C 151 4.90 12.20 -18.88
CA LEU C 151 5.78 11.06 -18.74
C LEU C 151 5.45 10.00 -19.81
N THR C 152 4.19 9.90 -20.18
CA THR C 152 3.78 8.91 -21.17
C THR C 152 4.32 9.25 -22.55
N ILE C 153 4.19 10.51 -22.96
CA ILE C 153 4.65 10.91 -24.28
C ILE C 153 6.17 10.98 -24.40
N VAL C 154 6.83 11.44 -23.34
CA VAL C 154 8.28 11.41 -23.32
C VAL C 154 8.73 9.97 -23.55
N ALA C 155 8.19 9.06 -22.73
CA ALA C 155 8.54 7.65 -22.81
C ALA C 155 8.25 7.03 -24.17
N HIS C 156 7.21 7.52 -24.83
CA HIS C 156 6.77 6.92 -26.09
C HIS C 156 7.74 7.27 -27.22
N GLU C 157 8.22 8.51 -27.21
CA GLU C 157 9.16 8.98 -28.22
C GLU C 157 10.61 8.56 -27.94
N ALA C 158 11.04 8.69 -26.68
CA ALA C 158 12.39 8.32 -26.24
C ALA C 158 12.64 6.82 -26.37
N LYS C 159 11.56 6.05 -26.25
CA LYS C 159 11.61 4.62 -26.54
C LYS C 159 12.41 4.35 -27.81
N LYS C 160 12.20 5.19 -28.84
CA LYS C 160 12.76 4.96 -30.17
C LYS C 160 14.28 5.09 -30.26
N LEU C 161 14.86 5.88 -29.35
CA LEU C 161 16.30 6.08 -29.31
C LEU C 161 16.94 5.15 -28.31
N MET C 162 16.16 4.18 -27.82
CA MET C 162 16.65 3.23 -26.83
C MET C 162 16.43 1.80 -27.26
N PRO C 163 16.91 1.44 -28.46
CA PRO C 163 16.70 0.08 -28.97
C PRO C 163 17.39 -1.01 -28.14
N GLU C 164 18.36 -0.66 -27.30
CA GLU C 164 19.12 -1.65 -26.54
C GLU C 164 18.71 -1.66 -25.08
N GLY C 165 17.70 -0.86 -24.74
CA GLY C 165 17.34 -0.66 -23.35
C GLY C 165 17.77 0.72 -22.90
N GLY C 166 17.27 1.13 -21.75
CA GLY C 166 17.59 2.45 -21.24
C GLY C 166 16.92 2.64 -19.90
N SER C 167 16.89 3.88 -19.44
CA SER C 167 16.39 4.14 -18.12
C SER C 167 15.67 5.49 -18.07
N ILE C 168 14.49 5.53 -17.47
CA ILE C 168 13.73 6.77 -17.41
C ILE C 168 13.40 7.15 -15.98
N VAL C 169 13.78 8.36 -15.60
CA VAL C 169 13.52 8.90 -14.27
C VAL C 169 12.60 10.13 -14.33
N ALA C 170 11.57 10.14 -13.50
CA ALA C 170 10.68 11.28 -13.35
C ALA C 170 10.82 11.86 -11.93
N THR C 171 10.92 13.17 -11.82
CA THR C 171 11.11 13.78 -10.49
C THR C 171 10.09 14.83 -10.09
N THR C 172 9.64 14.73 -8.84
CA THR C 172 8.70 15.71 -8.30
C THR C 172 9.31 16.48 -7.12
N TYR C 173 9.00 17.77 -7.05
CA TYR C 173 9.57 18.61 -6.01
C TYR C 173 8.56 19.66 -5.56
N ASN C 182 -10.94 23.77 -2.58
CA ASN C 182 -11.38 22.96 -1.45
C ASN C 182 -10.47 21.75 -1.18
N TYR C 183 -10.18 20.98 -2.22
CA TYR C 183 -9.24 19.87 -2.10
C TYR C 183 -8.09 20.02 -3.11
N ASN C 184 -7.01 19.26 -2.94
CA ASN C 184 -5.85 19.46 -3.82
C ASN C 184 -5.70 18.49 -4.99
N VAL C 185 -6.06 18.99 -6.19
CA VAL C 185 -5.91 18.24 -7.44
C VAL C 185 -4.44 17.96 -7.72
N MET C 186 -3.56 18.74 -7.09
CA MET C 186 -2.11 18.50 -7.12
C MET C 186 -1.76 17.13 -6.53
N GLY C 187 -2.44 16.77 -5.44
CA GLY C 187 -2.27 15.46 -4.82
C GLY C 187 -2.82 14.33 -5.67
N VAL C 188 -3.89 14.61 -6.42
CA VAL C 188 -4.47 13.61 -7.32
C VAL C 188 -3.57 13.44 -8.55
N ALA C 189 -2.95 14.54 -8.97
CA ALA C 189 -2.06 14.54 -10.12
C ALA C 189 -0.80 13.75 -9.81
N LYS C 190 -0.27 13.92 -8.61
CA LYS C 190 0.93 13.22 -8.20
C LYS C 190 0.69 11.72 -8.04
N ALA C 191 -0.47 11.39 -7.48
CA ALA C 191 -0.89 9.99 -7.34
C ALA C 191 -1.02 9.35 -8.72
N SER C 192 -1.56 10.10 -9.66
CA SER C 192 -1.68 9.65 -11.02
C SER C 192 -0.30 9.34 -11.65
N LEU C 193 0.66 10.23 -11.44
CA LEU C 193 2.00 10.03 -11.98
C LEU C 193 2.68 8.81 -11.37
N GLU C 194 2.60 8.69 -10.04
CA GLU C 194 3.17 7.53 -9.36
C GLU C 194 2.65 6.24 -9.99
N ALA C 195 1.35 6.18 -10.22
CA ALA C 195 0.74 5.04 -10.90
C ALA C 195 1.30 4.84 -12.30
N ASN C 196 1.45 5.95 -13.04
CA ASN C 196 1.95 5.93 -14.40
C ASN C 196 3.39 5.38 -14.48
N VAL C 197 4.23 5.75 -13.51
CA VAL C 197 5.56 5.17 -13.41
C VAL C 197 5.46 3.65 -13.35
N LYS C 198 4.53 3.16 -12.53
CA LYS C 198 4.31 1.72 -12.33
C LYS C 198 3.94 1.00 -13.63
N TYR C 199 2.91 1.49 -14.29
CA TYR C 199 2.42 0.86 -15.53
C TYR C 199 3.35 1.07 -16.73
N LEU C 200 3.97 2.24 -16.83
CA LEU C 200 5.01 2.42 -17.84
C LEU C 200 6.11 1.37 -17.68
N ALA C 201 6.50 1.12 -16.42
CA ALA C 201 7.52 0.11 -16.08
C ALA C 201 7.15 -1.28 -16.57
N LEU C 202 5.96 -1.76 -16.22
CA LEU C 202 5.51 -3.06 -16.71
C LEU C 202 5.47 -3.00 -18.23
N ASP C 203 4.88 -1.94 -18.75
CA ASP C 203 4.74 -1.76 -20.17
C ASP C 203 6.10 -1.83 -20.89
N LEU C 204 7.04 -0.99 -20.47
CA LEU C 204 8.32 -0.90 -21.16
C LEU C 204 9.34 -1.97 -20.73
N GLY C 205 9.05 -2.68 -19.64
CA GLY C 205 9.92 -3.74 -19.15
C GLY C 205 10.46 -4.68 -20.22
N PRO C 206 9.59 -5.14 -21.13
CA PRO C 206 10.03 -6.03 -22.22
C PRO C 206 11.06 -5.40 -23.15
N ASP C 207 11.06 -4.08 -23.29
CA ASP C 207 12.00 -3.36 -24.14
C ASP C 207 13.29 -3.09 -23.39
N ASN C 208 13.41 -3.70 -22.22
CA ASN C 208 14.57 -3.52 -21.36
C ASN C 208 14.72 -2.06 -20.92
N ILE C 209 13.59 -1.40 -20.73
CA ILE C 209 13.58 0.01 -20.35
C ILE C 209 12.98 0.20 -18.98
N ARG C 210 13.79 0.71 -18.07
CA ARG C 210 13.37 0.88 -16.69
C ARG C 210 12.80 2.28 -16.46
N VAL C 211 11.72 2.34 -15.68
CA VAL C 211 11.09 3.60 -15.36
C VAL C 211 10.95 3.73 -13.86
N ASN C 212 11.41 4.84 -13.33
CA ASN C 212 11.38 5.05 -11.89
C ASN C 212 11.15 6.53 -11.62
N ALA C 213 10.85 6.84 -10.36
CA ALA C 213 10.54 8.20 -9.99
C ALA C 213 11.32 8.59 -8.76
N ILE C 214 11.56 9.89 -8.62
CA ILE C 214 12.12 10.42 -7.40
C ILE C 214 11.12 11.42 -6.78
N SER C 215 10.91 11.30 -5.48
CA SER C 215 10.11 12.25 -4.72
C SER C 215 11.02 13.07 -3.84
N ALA C 216 11.18 14.35 -4.15
CA ALA C 216 12.09 15.19 -3.38
C ALA C 216 11.34 16.20 -2.52
N GLY C 217 11.81 16.37 -1.30
CA GLY C 217 11.13 17.20 -0.32
C GLY C 217 10.61 16.36 0.83
N ASN C 231 3.46 20.50 14.07
CA ASN C 231 4.49 21.47 13.70
C ASN C 231 5.38 20.90 12.60
N THR C 232 4.84 20.82 11.40
CA THR C 232 5.59 20.34 10.24
C THR C 232 6.04 21.53 9.39
N ILE C 233 5.51 22.70 9.74
CA ILE C 233 5.86 23.96 9.10
C ILE C 233 7.36 24.24 9.21
N LEU C 234 7.96 23.78 10.30
CA LEU C 234 9.39 23.90 10.48
C LEU C 234 10.17 23.39 9.26
N LYS C 235 9.62 22.39 8.58
CA LYS C 235 10.30 21.80 7.42
C LYS C 235 10.19 22.67 6.16
N GLU C 236 9.01 23.25 5.96
CA GLU C 236 8.80 24.17 4.84
C GLU C 236 9.69 25.40 4.99
N ILE C 237 9.82 25.88 6.22
CA ILE C 237 10.71 26.99 6.55
C ILE C 237 12.18 26.67 6.20
N GLU C 238 12.62 25.46 6.52
CA GLU C 238 13.97 25.04 6.18
C GLU C 238 14.20 25.05 4.67
N GLU C 239 13.33 24.35 3.94
CA GLU C 239 13.42 24.20 2.49
C GLU C 239 13.60 25.55 1.78
N ARG C 240 13.45 26.63 2.53
CA ARG C 240 13.50 27.97 1.97
C ARG C 240 14.95 28.47 1.84
N ALA C 241 15.86 27.80 2.52
CA ALA C 241 17.26 28.22 2.59
C ALA C 241 18.05 27.81 1.36
N PRO C 242 18.78 28.78 0.76
CA PRO C 242 19.64 28.51 -0.40
C PRO C 242 20.45 27.25 -0.20
N LEU C 243 21.10 27.15 0.96
CA LEU C 243 21.91 25.99 1.30
C LEU C 243 21.10 24.72 1.12
N LYS C 244 19.82 24.79 1.47
CA LYS C 244 18.96 23.61 1.45
C LYS C 244 18.60 23.13 0.05
N ARG C 245 18.31 24.07 -0.85
CA ARG C 245 18.02 23.70 -2.22
C ARG C 245 19.28 23.08 -2.81
N ASN C 246 20.42 23.71 -2.51
CA ASN C 246 21.71 23.20 -2.89
C ASN C 246 21.88 21.74 -2.51
N VAL C 247 21.60 21.43 -1.24
CA VAL C 247 21.67 20.06 -0.75
C VAL C 247 20.68 19.13 -1.46
N ASP C 248 19.50 19.65 -1.78
CA ASP C 248 18.49 18.88 -2.52
C ASP C 248 18.97 18.52 -3.91
N GLN C 249 19.56 19.49 -4.60
CA GLN C 249 20.11 19.28 -5.93
C GLN C 249 21.13 18.16 -6.02
N VAL C 250 22.10 18.15 -5.11
CA VAL C 250 23.13 17.13 -5.18
C VAL C 250 22.56 15.77 -4.80
N GLU C 251 21.60 15.75 -3.88
CA GLU C 251 21.07 14.48 -3.40
C GLU C 251 20.20 13.80 -4.44
N VAL C 252 19.40 14.61 -5.15
CA VAL C 252 18.57 14.09 -6.24
C VAL C 252 19.45 13.69 -7.40
N GLY C 253 20.53 14.45 -7.62
CA GLY C 253 21.49 14.14 -8.67
C GLY C 253 22.15 12.80 -8.43
N LYS C 254 22.60 12.60 -7.19
CA LYS C 254 23.22 11.36 -6.81
C LYS C 254 22.26 10.18 -6.97
N THR C 255 21.05 10.36 -6.47
CA THR C 255 20.05 9.30 -6.59
C THR C 255 19.64 9.06 -8.06
N ALA C 256 19.60 10.11 -8.88
CA ALA C 256 19.25 9.91 -10.28
C ALA C 256 20.37 9.16 -11.00
N ALA C 257 21.61 9.41 -10.59
CA ALA C 257 22.76 8.70 -11.14
C ALA C 257 22.66 7.20 -10.89
N TYR C 258 22.30 6.84 -9.67
CA TYR C 258 22.01 5.45 -9.37
C TYR C 258 20.94 4.87 -10.30
N LEU C 259 19.83 5.59 -10.46
CA LEU C 259 18.71 5.05 -11.23
C LEU C 259 18.94 5.03 -12.74
N LEU C 260 19.71 5.99 -13.23
CA LEU C 260 19.96 6.11 -14.65
C LEU C 260 21.09 5.20 -15.12
N SER C 261 21.81 4.62 -14.16
CA SER C 261 22.94 3.76 -14.48
C SER C 261 22.65 2.30 -14.19
N ASP C 262 23.62 1.46 -14.51
CA ASP C 262 23.56 0.02 -14.31
C ASP C 262 23.66 -0.33 -12.83
N LEU C 263 24.00 0.66 -12.03
CA LEU C 263 24.06 0.44 -10.60
C LEU C 263 22.67 0.06 -10.03
N SER C 264 21.62 0.50 -10.71
CA SER C 264 20.24 0.21 -10.30
C SER C 264 19.60 -0.80 -11.24
N SER C 265 20.40 -1.69 -11.82
CA SER C 265 19.81 -2.72 -12.68
C SER C 265 18.91 -3.65 -11.86
N GLY C 266 17.82 -4.08 -12.46
CA GLY C 266 16.84 -4.86 -11.74
C GLY C 266 15.88 -4.00 -10.93
N VAL C 267 16.06 -2.68 -11.00
CA VAL C 267 15.17 -1.78 -10.28
C VAL C 267 14.30 -0.97 -11.24
N THR C 268 12.99 -1.24 -11.22
CA THR C 268 12.03 -0.53 -12.08
C THR C 268 10.65 -0.44 -11.40
N GLY C 269 9.88 0.60 -11.72
CA GLY C 269 8.57 0.80 -11.15
C GLY C 269 8.56 1.38 -9.76
N GLU C 270 9.72 1.92 -9.36
CA GLU C 270 9.95 2.33 -7.98
C GLU C 270 9.79 3.83 -7.80
N ASN C 271 9.59 4.26 -6.57
CA ASN C 271 9.50 5.68 -6.26
C ASN C 271 10.36 5.97 -5.02
N ILE C 272 11.54 6.51 -5.24
CA ILE C 272 12.47 6.75 -4.14
C ILE C 272 12.33 8.15 -3.54
N HIS C 273 12.20 8.22 -2.23
CA HIS C 273 12.04 9.49 -1.54
C HIS C 273 13.36 10.03 -1.06
N VAL C 274 13.71 11.22 -1.56
CA VAL C 274 14.98 11.88 -1.28
C VAL C 274 14.76 13.12 -0.42
N ASP C 275 15.24 13.09 0.82
CA ASP C 275 14.91 14.11 1.80
C ASP C 275 16.06 14.45 2.77
N SER C 276 16.42 15.73 2.83
CA SER C 276 17.44 16.23 3.77
C SER C 276 18.86 15.91 3.31
N GLN D 24 -29.00 2.95 17.16
CA GLN D 24 -28.90 1.77 18.01
C GLN D 24 -30.18 0.95 18.00
N GLY D 25 -31.01 1.16 16.97
CA GLY D 25 -32.33 0.55 16.95
C GLY D 25 -32.41 -0.79 16.25
N ALA D 26 -33.55 -1.46 16.41
CA ALA D 26 -33.75 -2.79 15.84
C ALA D 26 -33.53 -2.81 14.33
N MET D 27 -34.36 -2.09 13.59
CA MET D 27 -34.27 -2.09 12.13
C MET D 27 -33.07 -1.34 11.55
N VAL D 28 -32.37 -2.00 10.64
CA VAL D 28 -31.39 -1.37 9.78
C VAL D 28 -31.72 -1.67 8.32
N ASN D 29 -32.19 -0.66 7.60
CA ASN D 29 -32.56 -0.80 6.20
C ASN D 29 -32.60 0.58 5.58
N LEU D 30 -33.05 0.68 4.34
CA LEU D 30 -32.93 1.95 3.61
C LEU D 30 -34.24 2.71 3.42
N GLU D 31 -35.22 2.39 4.26
CA GLU D 31 -36.53 3.03 4.21
C GLU D 31 -36.33 4.52 4.46
N ASN D 32 -37.01 5.34 3.67
CA ASN D 32 -36.89 6.79 3.82
C ASN D 32 -35.49 7.34 3.50
N LYS D 33 -34.70 6.56 2.77
CA LYS D 33 -33.45 7.07 2.23
C LYS D 33 -33.63 7.28 0.73
N THR D 34 -32.92 8.25 0.17
CA THR D 34 -33.01 8.53 -1.25
C THR D 34 -31.62 8.59 -1.85
N TYR D 35 -31.41 7.82 -2.91
CA TYR D 35 -30.09 7.72 -3.53
C TYR D 35 -30.18 7.91 -5.03
N VAL D 36 -29.24 8.69 -5.57
CA VAL D 36 -29.05 8.79 -7.01
C VAL D 36 -28.08 7.70 -7.46
N ILE D 37 -28.51 6.87 -8.41
CA ILE D 37 -27.69 5.77 -8.91
C ILE D 37 -27.22 6.09 -10.33
N MET D 38 -25.91 6.14 -10.52
CA MET D 38 -25.32 6.38 -11.84
C MET D 38 -24.69 5.12 -12.35
N GLY D 39 -24.77 4.90 -13.66
CA GLY D 39 -23.97 3.86 -14.28
C GLY D 39 -24.73 2.65 -14.77
N ILE D 40 -26.02 2.80 -14.98
CA ILE D 40 -26.80 1.70 -15.54
C ILE D 40 -26.87 1.82 -17.05
N ALA D 41 -26.28 0.85 -17.74
CA ALA D 41 -26.43 0.75 -19.19
C ALA D 41 -27.44 -0.35 -19.56
N ASN D 42 -27.47 -1.41 -18.77
CA ASN D 42 -28.25 -2.60 -19.07
C ASN D 42 -28.34 -3.54 -17.87
N LYS D 43 -28.95 -4.71 -18.05
CA LYS D 43 -29.30 -5.58 -16.92
C LYS D 43 -28.08 -6.19 -16.23
N ARG D 44 -26.95 -6.10 -16.91
CA ARG D 44 -25.72 -6.66 -16.39
C ARG D 44 -24.82 -5.63 -15.73
N SER D 45 -25.23 -4.36 -15.78
CA SER D 45 -24.41 -3.31 -15.16
C SER D 45 -24.28 -3.55 -13.66
N ILE D 46 -23.08 -3.41 -13.12
CA ILE D 46 -22.90 -3.52 -11.67
C ILE D 46 -23.93 -2.60 -10.97
N ALA D 47 -24.14 -1.42 -11.53
CA ALA D 47 -25.05 -0.44 -10.97
C ALA D 47 -26.48 -0.97 -10.85
N PHE D 48 -26.87 -1.87 -11.75
CA PHE D 48 -28.18 -2.47 -11.66
C PHE D 48 -28.28 -3.43 -10.47
N GLY D 49 -27.20 -4.20 -10.25
CA GLY D 49 -27.03 -4.99 -9.04
C GLY D 49 -27.17 -4.14 -7.78
N VAL D 50 -26.50 -2.99 -7.75
CA VAL D 50 -26.67 -2.05 -6.65
C VAL D 50 -28.15 -1.64 -6.50
N ALA D 51 -28.81 -1.34 -7.63
CA ALA D 51 -30.18 -0.86 -7.61
C ALA D 51 -31.16 -1.89 -7.02
N LYS D 52 -31.05 -3.13 -7.47
CA LYS D 52 -31.88 -4.19 -6.90
C LYS D 52 -31.67 -4.31 -5.40
N VAL D 53 -30.42 -4.27 -4.95
CA VAL D 53 -30.14 -4.38 -3.53
C VAL D 53 -30.78 -3.24 -2.74
N LEU D 54 -30.56 -2.01 -3.18
CA LEU D 54 -31.08 -0.84 -2.48
C LEU D 54 -32.62 -0.79 -2.45
N ASP D 55 -33.20 -1.08 -3.62
CA ASP D 55 -34.63 -1.19 -3.81
C ASP D 55 -35.29 -2.14 -2.79
N GLN D 56 -34.72 -3.33 -2.65
CA GLN D 56 -35.24 -4.32 -1.74
C GLN D 56 -35.11 -3.92 -0.29
N LEU D 57 -34.23 -2.97 -0.04
CA LEU D 57 -33.96 -2.51 1.30
C LEU D 57 -34.84 -1.30 1.62
N GLY D 58 -35.61 -0.85 0.63
CA GLY D 58 -36.58 0.22 0.83
C GLY D 58 -36.22 1.62 0.36
N ALA D 59 -35.02 1.82 -0.20
CA ALA D 59 -34.59 3.15 -0.63
C ALA D 59 -35.37 3.67 -1.83
N LYS D 60 -35.56 4.98 -1.89
CA LYS D 60 -36.08 5.61 -3.09
C LYS D 60 -34.91 5.89 -4.02
N LEU D 61 -35.01 5.41 -5.26
CA LEU D 61 -33.93 5.56 -6.22
C LEU D 61 -34.21 6.59 -7.30
N VAL D 62 -33.20 7.38 -7.61
CA VAL D 62 -33.23 8.29 -8.73
C VAL D 62 -32.15 7.80 -9.68
N PHE D 63 -32.49 7.65 -10.96
CA PHE D 63 -31.52 7.16 -11.93
C PHE D 63 -31.06 8.19 -12.95
N THR D 64 -29.76 8.17 -13.27
CA THR D 64 -29.21 9.01 -14.32
C THR D 64 -28.90 8.19 -15.59
N TYR D 65 -28.78 8.88 -16.70
CA TYR D 65 -28.44 8.25 -17.98
C TYR D 65 -27.99 9.36 -18.92
N ARG D 66 -27.38 8.98 -20.03
CA ARG D 66 -26.94 9.96 -21.02
C ARG D 66 -27.60 9.68 -22.35
N LYS D 67 -27.48 8.44 -22.80
CA LYS D 67 -28.03 8.02 -24.07
C LYS D 67 -29.52 7.69 -23.97
N GLU D 68 -30.24 7.84 -25.06
CA GLU D 68 -31.66 7.50 -25.07
C GLU D 68 -31.85 5.99 -24.97
N ARG D 69 -30.82 5.27 -25.41
CA ARG D 69 -30.75 3.82 -25.33
C ARG D 69 -30.87 3.40 -23.88
N SER D 70 -30.13 4.09 -23.02
CA SER D 70 -30.05 3.69 -21.63
C SER D 70 -31.21 4.27 -20.85
N ARG D 71 -31.90 5.24 -21.46
CA ARG D 71 -33.15 5.75 -20.91
C ARG D 71 -34.26 4.70 -21.06
N LYS D 72 -34.41 4.16 -22.26
CA LYS D 72 -35.38 3.09 -22.51
C LYS D 72 -35.06 1.83 -21.68
N GLU D 73 -33.79 1.43 -21.68
CA GLU D 73 -33.33 0.30 -20.89
C GLU D 73 -33.69 0.43 -19.40
N LEU D 74 -33.38 1.58 -18.79
CA LEU D 74 -33.83 1.85 -17.42
C LEU D 74 -35.36 1.70 -17.25
N GLU D 75 -36.12 2.11 -18.25
CA GLU D 75 -37.58 1.98 -18.18
C GLU D 75 -38.05 0.52 -18.16
N LYS D 76 -37.38 -0.35 -18.90
CA LYS D 76 -37.66 -1.78 -18.80
C LYS D 76 -37.17 -2.34 -17.47
N LEU D 77 -36.04 -1.87 -16.98
CA LEU D 77 -35.43 -2.41 -15.76
C LEU D 77 -36.14 -1.95 -14.49
N LEU D 78 -36.69 -0.74 -14.52
CA LEU D 78 -37.46 -0.24 -13.37
C LEU D 78 -38.70 -1.12 -13.12
N GLU D 79 -39.12 -1.84 -14.15
CA GLU D 79 -40.29 -2.71 -14.06
C GLU D 79 -40.01 -4.02 -13.34
N GLN D 80 -38.82 -4.14 -12.75
CA GLN D 80 -38.50 -5.34 -11.97
C GLN D 80 -38.12 -4.95 -10.56
N LEU D 81 -38.28 -3.66 -10.26
CA LEU D 81 -38.00 -3.11 -8.95
C LEU D 81 -39.32 -2.67 -8.30
N ASN D 82 -39.25 -2.08 -7.12
CA ASN D 82 -40.44 -1.74 -6.40
C ASN D 82 -40.52 -0.25 -6.15
N GLN D 83 -39.93 0.51 -7.07
CA GLN D 83 -40.06 1.95 -7.08
C GLN D 83 -41.49 2.32 -7.51
N PRO D 84 -42.24 3.00 -6.63
CA PRO D 84 -43.60 3.38 -7.01
C PRO D 84 -43.53 4.49 -8.05
N GLU D 85 -42.31 4.98 -8.28
CA GLU D 85 -42.08 6.06 -9.23
C GLU D 85 -40.72 5.88 -9.90
N ALA D 86 -40.67 6.22 -11.18
CA ALA D 86 -39.44 6.23 -11.94
C ALA D 86 -38.90 7.65 -11.89
N HIS D 87 -37.71 7.82 -11.33
CA HIS D 87 -37.08 9.13 -11.32
C HIS D 87 -35.84 9.07 -12.22
N LEU D 88 -35.95 9.69 -13.39
CA LEU D 88 -34.92 9.58 -14.43
C LEU D 88 -34.42 10.96 -14.81
N TYR D 89 -33.11 11.16 -14.72
CA TYR D 89 -32.51 12.41 -15.12
C TYR D 89 -31.40 12.16 -16.13
N GLN D 90 -31.41 12.96 -17.19
CA GLN D 90 -30.36 12.93 -18.19
C GLN D 90 -29.17 13.79 -17.75
N ILE D 91 -28.07 13.12 -17.42
CA ILE D 91 -26.88 13.80 -16.91
C ILE D 91 -25.65 13.16 -17.51
N ASP D 92 -25.06 13.85 -18.49
CA ASP D 92 -23.78 13.48 -19.05
C ASP D 92 -22.67 14.05 -18.16
N VAL D 93 -21.88 13.18 -17.53
CA VAL D 93 -20.83 13.63 -16.60
C VAL D 93 -19.71 14.43 -17.26
N GLN D 94 -19.61 14.35 -18.59
CA GLN D 94 -18.60 15.13 -19.34
C GLN D 94 -19.01 16.58 -19.49
N SER D 95 -20.25 16.89 -19.08
CA SER D 95 -20.79 18.24 -19.27
C SER D 95 -20.98 18.91 -17.92
N ASP D 96 -20.33 20.06 -17.74
CA ASP D 96 -20.46 20.79 -16.48
C ASP D 96 -21.92 21.24 -16.34
N GLU D 97 -22.55 21.56 -17.46
CA GLU D 97 -23.90 22.10 -17.50
C GLU D 97 -24.92 21.03 -17.08
N GLU D 98 -24.81 19.86 -17.68
CA GLU D 98 -25.73 18.78 -17.35
C GLU D 98 -25.60 18.29 -15.90
N VAL D 99 -24.38 18.26 -15.35
CA VAL D 99 -24.24 17.82 -13.96
C VAL D 99 -24.86 18.84 -13.01
N ILE D 100 -24.58 20.11 -13.25
CA ILE D 100 -25.09 21.17 -12.39
C ILE D 100 -26.61 21.26 -12.47
N ASN D 101 -27.14 21.33 -13.68
CA ASN D 101 -28.60 21.47 -13.86
C ASN D 101 -29.35 20.21 -13.45
N GLY D 102 -28.79 19.05 -13.82
CA GLY D 102 -29.39 17.77 -13.51
C GLY D 102 -29.62 17.62 -12.02
N PHE D 103 -28.56 17.86 -11.24
CA PHE D 103 -28.66 17.75 -9.78
C PHE D 103 -29.58 18.82 -9.18
N GLU D 104 -29.57 20.01 -9.76
CA GLU D 104 -30.51 21.05 -9.38
C GLU D 104 -31.99 20.63 -9.58
N GLN D 105 -32.30 19.98 -10.71
CA GLN D 105 -33.65 19.47 -10.97
C GLN D 105 -34.04 18.40 -9.96
N ILE D 106 -33.15 17.44 -9.76
CA ILE D 106 -33.34 16.40 -8.76
C ILE D 106 -33.72 17.05 -7.44
N GLY D 107 -32.96 18.07 -7.04
CA GLY D 107 -33.22 18.82 -5.82
C GLY D 107 -34.63 19.38 -5.78
N LYS D 108 -35.07 19.94 -6.90
CA LYS D 108 -36.40 20.52 -7.00
C LYS D 108 -37.49 19.45 -7.00
N ASP D 109 -37.25 18.38 -7.74
CA ASP D 109 -38.27 17.35 -7.91
C ASP D 109 -38.44 16.44 -6.69
N VAL D 110 -37.33 16.10 -6.06
CA VAL D 110 -37.34 15.07 -5.05
C VAL D 110 -36.90 15.58 -3.69
N GLY D 111 -36.13 16.67 -3.67
CA GLY D 111 -35.62 17.23 -2.43
C GLY D 111 -34.22 16.73 -2.10
N ASN D 112 -33.83 16.84 -0.84
CA ASN D 112 -32.51 16.39 -0.39
C ASN D 112 -32.32 14.89 -0.51
N ILE D 113 -31.07 14.47 -0.62
CA ILE D 113 -30.78 13.05 -0.79
C ILE D 113 -29.81 12.57 0.26
N ASP D 114 -29.69 11.26 0.40
CA ASP D 114 -28.82 10.68 1.40
C ASP D 114 -27.51 10.15 0.82
N GLY D 115 -27.41 10.15 -0.51
CA GLY D 115 -26.22 9.62 -1.14
C GLY D 115 -26.26 9.50 -2.65
N VAL D 116 -25.10 9.18 -3.20
CA VAL D 116 -24.90 8.96 -4.61
C VAL D 116 -24.03 7.73 -4.79
N TYR D 117 -24.50 6.81 -5.62
CA TYR D 117 -23.68 5.73 -6.15
C TYR D 117 -23.15 6.22 -7.48
N HIS D 118 -21.82 6.32 -7.57
CA HIS D 118 -21.15 6.77 -8.78
C HIS D 118 -20.38 5.62 -9.42
N SER D 119 -20.69 5.37 -10.69
CA SER D 119 -19.92 4.43 -11.49
C SER D 119 -20.09 4.77 -12.98
N ILE D 120 -19.25 4.18 -13.81
CA ILE D 120 -19.47 4.24 -15.25
C ILE D 120 -19.68 2.81 -15.71
N ALA D 121 -20.78 2.57 -16.41
CA ALA D 121 -21.07 1.25 -16.94
C ALA D 121 -19.88 0.79 -17.76
N PHE D 122 -19.50 -0.47 -17.55
CA PHE D 122 -18.52 -1.17 -18.36
C PHE D 122 -18.89 -1.19 -19.85
N ALA D 123 -20.19 -1.17 -20.14
CA ALA D 123 -20.68 -1.19 -21.52
C ALA D 123 -20.27 0.07 -22.29
N ASN D 124 -20.36 1.21 -21.62
CA ASN D 124 -19.97 2.49 -22.19
C ASN D 124 -18.48 2.57 -22.53
N MET D 125 -17.66 1.85 -21.77
CA MET D 125 -16.24 1.69 -22.12
C MET D 125 -16.15 0.78 -23.35
N GLU D 126 -16.31 1.37 -24.53
CA GLU D 126 -16.36 0.63 -25.77
C GLU D 126 -15.20 1.01 -26.69
N ASP D 127 -14.01 0.64 -26.25
CA ASP D 127 -12.74 0.91 -26.95
C ASP D 127 -12.81 1.94 -28.06
N PHE D 132 -7.95 8.41 -28.48
CA PHE D 132 -8.54 7.11 -28.79
C PHE D 132 -7.45 6.03 -28.81
N SER D 133 -6.21 6.45 -28.99
CA SER D 133 -5.08 5.53 -28.88
C SER D 133 -4.62 5.41 -27.42
N GLU D 134 -4.21 4.20 -27.02
CA GLU D 134 -3.76 3.95 -25.64
C GLU D 134 -2.76 4.99 -25.14
N THR D 135 -1.80 5.35 -25.99
CA THR D 135 -0.75 6.24 -25.56
C THR D 135 -1.05 7.69 -25.90
N SER D 136 -2.17 7.92 -26.56
CA SER D 136 -2.52 9.26 -27.03
C SER D 136 -2.81 10.17 -25.85
N ARG D 137 -2.61 11.48 -26.05
CA ARG D 137 -2.93 12.46 -25.03
C ARG D 137 -4.44 12.50 -24.77
N GLU D 138 -5.22 12.55 -25.85
CA GLU D 138 -6.68 12.51 -25.73
C GLU D 138 -7.14 11.25 -24.99
N GLY D 139 -6.71 10.09 -25.45
CA GLY D 139 -7.05 8.85 -24.77
C GLY D 139 -6.77 8.94 -23.28
N PHE D 140 -5.54 9.27 -22.94
CA PHE D 140 -5.18 9.37 -21.53
C PHE D 140 -6.13 10.30 -20.76
N LEU D 141 -6.46 11.44 -21.34
CA LEU D 141 -7.21 12.47 -20.61
C LEU D 141 -8.72 12.20 -20.59
N LEU D 142 -9.20 11.44 -21.57
CA LEU D 142 -10.60 11.07 -21.59
C LEU D 142 -10.87 10.09 -20.43
N ALA D 143 -9.93 9.17 -20.19
CA ALA D 143 -10.07 8.25 -19.07
C ALA D 143 -10.00 9.01 -17.76
N GLN D 144 -9.06 9.92 -17.63
CA GLN D 144 -9.01 10.78 -16.44
C GLN D 144 -10.33 11.52 -16.23
N ASP D 145 -10.88 12.04 -17.33
CA ASP D 145 -12.11 12.82 -17.32
C ASP D 145 -13.30 11.99 -16.87
N ILE D 146 -13.43 10.80 -17.45
CA ILE D 146 -14.58 9.94 -17.21
C ILE D 146 -14.49 9.19 -15.87
N SER D 147 -13.33 8.58 -15.61
CA SER D 147 -13.15 7.71 -14.46
C SER D 147 -12.89 8.41 -13.14
N SER D 148 -12.43 9.65 -13.18
CA SER D 148 -11.95 10.29 -11.96
C SER D 148 -12.55 11.67 -11.67
N TYR D 149 -12.54 12.56 -12.66
CA TYR D 149 -13.04 13.91 -12.40
C TYR D 149 -14.57 13.93 -12.25
N SER D 150 -15.26 13.05 -12.97
CA SER D 150 -16.71 12.99 -12.88
C SER D 150 -17.11 12.89 -11.40
N LEU D 151 -16.36 12.11 -10.61
CA LEU D 151 -16.61 12.04 -9.17
C LEU D 151 -16.59 13.44 -8.53
N THR D 152 -15.57 14.23 -8.88
CA THR D 152 -15.38 15.54 -8.27
C THR D 152 -16.56 16.48 -8.46
N ILE D 153 -17.02 16.63 -9.70
CA ILE D 153 -18.10 17.55 -10.00
C ILE D 153 -19.44 17.01 -9.51
N VAL D 154 -19.61 15.70 -9.64
CA VAL D 154 -20.78 15.02 -9.10
C VAL D 154 -20.88 15.31 -7.59
N ALA D 155 -19.75 15.20 -6.90
CA ALA D 155 -19.73 15.47 -5.47
C ALA D 155 -19.99 16.95 -5.12
N HIS D 156 -19.52 17.87 -5.95
CA HIS D 156 -19.73 19.28 -5.67
C HIS D 156 -21.20 19.67 -5.84
N GLU D 157 -21.86 19.13 -6.87
CA GLU D 157 -23.28 19.41 -7.07
C GLU D 157 -24.20 18.60 -6.13
N ALA D 158 -23.87 17.34 -5.85
CA ALA D 158 -24.69 16.51 -4.97
C ALA D 158 -24.59 16.97 -3.51
N LYS D 159 -23.42 17.46 -3.13
CA LYS D 159 -23.21 18.07 -1.83
C LYS D 159 -24.37 19.01 -1.46
N LYS D 160 -24.84 19.75 -2.45
CA LYS D 160 -25.86 20.75 -2.23
C LYS D 160 -27.19 20.14 -1.80
N LEU D 161 -27.38 18.86 -2.13
CA LEU D 161 -28.60 18.16 -1.75
C LEU D 161 -28.43 17.40 -0.43
N MET D 162 -27.26 17.53 0.18
CA MET D 162 -27.00 16.81 1.42
C MET D 162 -26.51 17.74 2.53
N PRO D 163 -27.38 18.67 2.95
CA PRO D 163 -27.03 19.69 3.94
C PRO D 163 -26.90 19.10 5.35
N GLU D 164 -27.35 17.88 5.53
CA GLU D 164 -27.26 17.19 6.80
C GLU D 164 -26.26 16.03 6.73
N GLY D 165 -25.41 16.07 5.72
CA GLY D 165 -24.44 15.01 5.49
C GLY D 165 -24.99 13.95 4.56
N GLY D 166 -24.17 12.97 4.20
CA GLY D 166 -24.58 11.97 3.21
C GLY D 166 -23.43 11.03 2.87
N SER D 167 -23.62 10.21 1.83
CA SER D 167 -22.67 9.17 1.51
C SER D 167 -22.53 9.04 0.01
N ILE D 168 -21.30 9.08 -0.47
CA ILE D 168 -20.98 8.98 -1.88
C ILE D 168 -20.09 7.77 -2.09
N VAL D 169 -20.51 6.87 -2.97
CA VAL D 169 -19.73 5.68 -3.27
C VAL D 169 -19.28 5.66 -4.73
N ALA D 170 -18.00 5.36 -4.94
CA ALA D 170 -17.43 5.27 -6.27
C ALA D 170 -16.89 3.88 -6.57
N THR D 171 -17.37 3.27 -7.65
CA THR D 171 -16.94 1.93 -8.02
C THR D 171 -16.08 1.88 -9.29
N THR D 172 -15.02 1.09 -9.23
CA THR D 172 -14.20 0.75 -10.38
C THR D 172 -14.31 -0.76 -10.63
N TYR D 173 -14.24 -1.14 -11.89
CA TYR D 173 -14.33 -2.54 -12.26
C TYR D 173 -13.09 -2.97 -13.02
N LEU D 174 -12.48 -4.08 -12.61
CA LEU D 174 -11.40 -4.67 -13.41
C LEU D 174 -11.95 -5.12 -14.79
N GLY D 175 -11.93 -4.21 -15.76
CA GLY D 175 -12.40 -4.51 -17.10
C GLY D 175 -11.28 -4.97 -18.03
N GLY D 176 -10.31 -5.67 -17.47
CA GLY D 176 -9.20 -6.29 -18.22
C GLY D 176 -8.72 -5.54 -19.44
N VAL D 180 -5.51 -3.87 -23.13
CA VAL D 180 -4.51 -4.74 -22.54
C VAL D 180 -3.48 -5.15 -23.60
N GLN D 181 -3.12 -4.21 -24.45
CA GLN D 181 -2.03 -4.40 -25.40
C GLN D 181 -0.72 -4.31 -24.66
N ASN D 182 -0.29 -3.08 -24.38
CA ASN D 182 0.97 -2.85 -23.67
C ASN D 182 0.84 -1.87 -22.50
N TYR D 183 0.02 -0.84 -22.69
CA TYR D 183 -0.03 0.28 -21.74
C TYR D 183 -1.36 0.37 -21.02
N ASN D 184 -1.36 0.08 -19.73
CA ASN D 184 -2.61 0.10 -18.97
C ASN D 184 -3.08 1.51 -18.61
N VAL D 185 -3.46 2.26 -19.63
CA VAL D 185 -3.99 3.62 -19.41
C VAL D 185 -5.19 3.68 -18.41
N MET D 186 -6.05 2.67 -18.40
CA MET D 186 -7.16 2.68 -17.44
C MET D 186 -6.68 2.42 -16.02
N GLY D 187 -5.58 1.69 -15.89
CA GLY D 187 -4.95 1.47 -14.61
C GLY D 187 -4.50 2.78 -13.97
N VAL D 188 -3.98 3.69 -14.78
CA VAL D 188 -3.65 5.02 -14.28
C VAL D 188 -4.94 5.74 -13.84
N ALA D 189 -5.97 5.66 -14.66
CA ALA D 189 -7.20 6.35 -14.37
C ALA D 189 -7.81 5.89 -13.04
N LYS D 190 -7.70 4.59 -12.75
CA LYS D 190 -8.19 4.02 -11.50
C LYS D 190 -7.42 4.58 -10.31
N ALA D 191 -6.10 4.62 -10.43
CA ALA D 191 -5.26 5.17 -9.40
C ALA D 191 -5.64 6.61 -9.10
N SER D 192 -5.98 7.34 -10.15
CA SER D 192 -6.45 8.71 -10.03
C SER D 192 -7.76 8.80 -9.24
N LEU D 193 -8.73 7.97 -9.60
CA LEU D 193 -10.01 7.93 -8.92
C LEU D 193 -9.82 7.70 -7.44
N GLU D 194 -9.03 6.68 -7.11
CA GLU D 194 -8.79 6.29 -5.74
C GLU D 194 -8.21 7.44 -4.92
N ALA D 195 -7.24 8.13 -5.50
CA ALA D 195 -6.66 9.28 -4.83
C ALA D 195 -7.73 10.33 -4.66
N ASN D 196 -8.55 10.48 -5.69
CA ASN D 196 -9.63 11.45 -5.68
C ASN D 196 -10.63 11.15 -4.54
N VAL D 197 -10.99 9.89 -4.39
CA VAL D 197 -11.86 9.47 -3.31
C VAL D 197 -11.32 9.99 -1.97
N LYS D 198 -10.03 9.78 -1.75
CA LYS D 198 -9.43 10.13 -0.47
C LYS D 198 -9.42 11.65 -0.22
N TYR D 199 -9.15 12.42 -1.27
CA TYR D 199 -9.07 13.86 -1.11
C TYR D 199 -10.47 14.47 -0.96
N LEU D 200 -11.45 13.89 -1.64
CA LEU D 200 -12.84 14.29 -1.44
C LEU D 200 -13.27 13.97 -0.01
N ALA D 201 -13.01 12.75 0.44
CA ALA D 201 -13.34 12.39 1.80
C ALA D 201 -12.72 13.38 2.79
N LEU D 202 -11.53 13.89 2.48
CA LEU D 202 -10.90 14.85 3.38
C LEU D 202 -11.59 16.20 3.29
N ASP D 203 -11.81 16.65 2.06
CA ASP D 203 -12.55 17.87 1.78
C ASP D 203 -13.97 17.86 2.37
N LEU D 204 -14.77 16.85 2.04
CA LEU D 204 -16.19 16.82 2.42
C LEU D 204 -16.47 16.37 3.86
N GLY D 205 -15.43 15.99 4.59
CA GLY D 205 -15.59 15.46 5.95
C GLY D 205 -16.27 16.41 6.92
N PRO D 206 -15.78 17.66 6.99
CA PRO D 206 -16.45 18.63 7.87
C PRO D 206 -17.91 18.88 7.48
N ASP D 207 -18.25 18.74 6.21
CA ASP D 207 -19.64 18.86 5.74
C ASP D 207 -20.40 17.59 6.02
N ASN D 208 -19.74 16.66 6.72
CA ASN D 208 -20.38 15.41 7.17
C ASN D 208 -20.73 14.46 6.04
N ILE D 209 -20.01 14.59 4.94
CA ILE D 209 -20.28 13.76 3.77
C ILE D 209 -19.14 12.76 3.57
N ARG D 210 -19.51 11.48 3.54
CA ARG D 210 -18.56 10.39 3.41
C ARG D 210 -18.31 10.01 1.96
N VAL D 211 -17.06 9.72 1.65
CA VAL D 211 -16.70 9.28 0.31
C VAL D 211 -15.85 8.02 0.36
N ASN D 212 -16.35 6.99 -0.30
CA ASN D 212 -15.67 5.69 -0.32
C ASN D 212 -15.69 5.09 -1.71
N ALA D 213 -14.85 4.10 -1.91
CA ALA D 213 -14.74 3.45 -3.21
C ALA D 213 -14.96 1.94 -3.10
N ILE D 214 -15.37 1.34 -4.20
CA ILE D 214 -15.40 -0.12 -4.25
C ILE D 214 -14.57 -0.60 -5.42
N SER D 215 -13.70 -1.57 -5.15
CA SER D 215 -12.93 -2.18 -6.24
C SER D 215 -13.54 -3.53 -6.53
N ALA D 216 -14.32 -3.58 -7.61
CA ALA D 216 -15.00 -4.80 -7.99
C ALA D 216 -14.07 -5.68 -8.79
N GLY D 217 -13.93 -6.93 -8.36
CA GLY D 217 -13.21 -7.92 -9.13
C GLY D 217 -13.93 -8.20 -10.44
N PRO D 218 -13.41 -9.15 -11.24
CA PRO D 218 -14.03 -9.50 -12.52
C PRO D 218 -15.32 -10.29 -12.33
N ILE D 219 -16.35 -9.93 -13.08
CA ILE D 219 -17.63 -10.60 -12.97
C ILE D 219 -17.88 -11.26 -14.32
N ARG D 220 -18.14 -12.56 -14.31
CA ARG D 220 -18.40 -13.29 -15.54
C ARG D 220 -19.58 -12.65 -16.27
N THR D 221 -19.33 -11.51 -16.91
CA THR D 221 -20.36 -10.62 -17.44
C THR D 221 -19.87 -9.18 -17.50
N GLY D 228 -12.98 -18.83 -26.94
CA GLY D 228 -13.08 -17.87 -25.85
C GLY D 228 -11.81 -17.86 -25.02
N GLY D 229 -10.96 -16.87 -25.26
CA GLY D 229 -9.67 -16.79 -24.62
C GLY D 229 -9.38 -15.47 -23.92
N PHE D 230 -10.18 -14.45 -24.22
CA PHE D 230 -10.04 -13.16 -23.57
C PHE D 230 -10.24 -13.31 -22.05
N ASN D 231 -11.45 -13.70 -21.67
CA ASN D 231 -11.76 -13.98 -20.27
C ASN D 231 -11.70 -15.47 -19.95
N THR D 232 -10.50 -16.04 -20.08
CA THR D 232 -10.18 -17.32 -19.48
C THR D 232 -9.40 -16.99 -18.22
N ILE D 233 -9.34 -15.70 -17.91
CA ILE D 233 -8.68 -15.22 -16.71
C ILE D 233 -9.67 -15.05 -15.56
N LEU D 234 -10.96 -15.19 -15.87
CA LEU D 234 -11.97 -15.36 -14.82
C LEU D 234 -11.64 -16.67 -14.11
N LYS D 235 -10.86 -17.51 -14.80
CA LYS D 235 -10.44 -18.81 -14.30
C LYS D 235 -9.15 -18.65 -13.52
N GLU D 236 -8.32 -17.71 -13.94
CA GLU D 236 -7.08 -17.41 -13.22
C GLU D 236 -7.40 -16.78 -11.87
N ILE D 237 -8.02 -15.60 -11.89
CA ILE D 237 -8.40 -14.89 -10.67
C ILE D 237 -9.16 -15.82 -9.73
N GLU D 238 -10.08 -16.59 -10.29
CA GLU D 238 -10.84 -17.57 -9.54
C GLU D 238 -9.96 -18.49 -8.70
N GLU D 239 -9.21 -19.36 -9.38
CA GLU D 239 -8.42 -20.39 -8.70
C GLU D 239 -7.30 -19.83 -7.84
N ARG D 240 -6.89 -18.59 -8.13
CA ARG D 240 -5.84 -17.92 -7.37
C ARG D 240 -6.40 -17.15 -6.17
N ALA D 241 -7.55 -16.49 -6.35
CA ALA D 241 -8.17 -15.72 -5.28
C ALA D 241 -8.52 -16.64 -4.11
N PRO D 242 -8.32 -16.15 -2.89
CA PRO D 242 -8.57 -16.89 -1.64
C PRO D 242 -9.92 -17.60 -1.60
N LEU D 243 -11.01 -16.91 -1.96
CA LEU D 243 -12.34 -17.51 -1.89
C LEU D 243 -12.66 -18.39 -3.09
N LYS D 244 -11.72 -18.46 -4.02
CA LYS D 244 -11.77 -19.47 -5.08
C LYS D 244 -13.03 -19.33 -5.93
N ARG D 245 -13.29 -18.13 -6.43
CA ARG D 245 -14.45 -17.90 -7.28
C ARG D 245 -14.50 -16.44 -7.73
N ASN D 246 -15.53 -16.09 -8.47
CA ASN D 246 -15.74 -14.70 -8.84
C ASN D 246 -16.92 -14.09 -8.09
N VAL D 247 -16.92 -12.76 -8.02
CA VAL D 247 -17.99 -12.05 -7.38
C VAL D 247 -18.99 -11.68 -8.47
N ASP D 248 -20.13 -11.11 -8.06
CA ASP D 248 -21.11 -10.66 -9.03
C ASP D 248 -21.67 -9.30 -8.65
N GLN D 249 -22.58 -8.79 -9.48
CA GLN D 249 -23.19 -7.47 -9.30
C GLN D 249 -23.84 -7.30 -7.94
N VAL D 250 -24.57 -8.33 -7.51
CA VAL D 250 -25.28 -8.27 -6.24
C VAL D 250 -24.32 -8.20 -5.07
N GLU D 251 -23.22 -8.94 -5.12
CA GLU D 251 -22.23 -8.83 -4.04
C GLU D 251 -21.67 -7.41 -3.95
N VAL D 252 -21.49 -6.77 -5.10
CA VAL D 252 -21.08 -5.38 -5.10
C VAL D 252 -22.17 -4.52 -4.47
N GLY D 253 -23.42 -4.76 -4.88
CA GLY D 253 -24.56 -4.07 -4.32
C GLY D 253 -24.68 -4.18 -2.80
N LYS D 254 -24.39 -5.35 -2.26
CA LYS D 254 -24.35 -5.51 -0.80
C LYS D 254 -23.34 -4.57 -0.11
N THR D 255 -22.15 -4.48 -0.66
CA THR D 255 -21.15 -3.60 -0.07
C THR D 255 -21.50 -2.12 -0.28
N ALA D 256 -22.12 -1.82 -1.42
CA ALA D 256 -22.57 -0.46 -1.69
C ALA D 256 -23.66 -0.05 -0.72
N ALA D 257 -24.55 -1.00 -0.40
CA ALA D 257 -25.60 -0.78 0.60
C ALA D 257 -25.00 -0.46 1.95
N TYR D 258 -24.01 -1.24 2.33
CA TYR D 258 -23.25 -0.96 3.54
C TYR D 258 -22.65 0.45 3.54
N LEU D 259 -22.01 0.83 2.44
CA LEU D 259 -21.35 2.13 2.40
C LEU D 259 -22.32 3.31 2.33
N LEU D 260 -23.43 3.12 1.62
CA LEU D 260 -24.46 4.16 1.50
C LEU D 260 -25.31 4.31 2.77
N SER D 261 -25.46 3.22 3.51
CA SER D 261 -26.26 3.25 4.72
C SER D 261 -25.48 3.75 5.94
N ASP D 262 -26.20 3.92 7.03
CA ASP D 262 -25.66 4.39 8.29
C ASP D 262 -24.82 3.33 9.04
N LEU D 263 -24.88 2.07 8.60
CA LEU D 263 -24.02 1.03 9.17
C LEU D 263 -22.52 1.36 9.07
N SER D 264 -22.18 2.24 8.14
CA SER D 264 -20.79 2.62 7.91
C SER D 264 -20.58 4.10 8.22
N SER D 265 -21.35 4.62 9.17
CA SER D 265 -21.35 6.05 9.45
C SER D 265 -19.98 6.59 9.87
N GLY D 266 -19.09 5.70 10.32
CA GLY D 266 -17.76 6.15 10.71
C GLY D 266 -16.70 5.87 9.66
N VAL D 267 -17.11 5.62 8.43
CA VAL D 267 -16.19 5.14 7.41
C VAL D 267 -16.13 6.05 6.20
N THR D 268 -14.98 6.68 6.00
CA THR D 268 -14.79 7.51 4.83
C THR D 268 -13.36 7.39 4.36
N GLY D 269 -13.15 7.55 3.06
CA GLY D 269 -11.79 7.49 2.53
C GLY D 269 -11.29 6.07 2.31
N GLU D 270 -12.14 5.09 2.56
CA GLU D 270 -11.77 3.69 2.36
C GLU D 270 -11.92 3.22 0.92
N ASN D 271 -11.38 2.04 0.67
CA ASN D 271 -11.53 1.36 -0.61
C ASN D 271 -11.72 -0.11 -0.32
N ILE D 272 -12.95 -0.58 -0.52
CA ILE D 272 -13.28 -1.98 -0.22
C ILE D 272 -13.17 -2.88 -1.46
N HIS D 273 -12.38 -3.94 -1.34
CA HIS D 273 -12.23 -4.87 -2.45
C HIS D 273 -13.27 -5.96 -2.38
N VAL D 274 -14.17 -5.99 -3.36
CA VAL D 274 -15.20 -7.02 -3.44
C VAL D 274 -14.76 -7.93 -4.58
N ASP D 275 -13.91 -8.89 -4.25
CA ASP D 275 -13.08 -9.53 -5.26
C ASP D 275 -12.59 -10.90 -4.83
N SER D 276 -13.31 -11.50 -3.89
CA SER D 276 -12.93 -12.78 -3.32
C SER D 276 -11.52 -12.80 -2.68
N GLY D 277 -11.01 -11.64 -2.26
CA GLY D 277 -9.72 -11.57 -1.60
C GLY D 277 -8.53 -11.50 -2.56
N PHE D 278 -8.79 -11.49 -3.86
CA PHE D 278 -7.71 -11.47 -4.84
C PHE D 278 -6.67 -10.35 -4.60
N HIS D 279 -7.14 -9.17 -4.21
CA HIS D 279 -6.24 -8.08 -3.86
C HIS D 279 -5.13 -8.50 -2.87
N ALA D 280 -5.44 -9.44 -1.99
CA ALA D 280 -4.51 -9.79 -0.91
C ALA D 280 -3.42 -10.75 -1.37
N ILE D 281 -3.57 -11.31 -2.55
CA ILE D 281 -2.57 -12.27 -3.05
C ILE D 281 -1.43 -11.53 -3.75
N LYS D 282 -1.09 -10.35 -3.23
CA LYS D 282 0.09 -9.62 -3.68
C LYS D 282 1.12 -9.52 -2.55
S SO4 E . -9.64 -9.51 30.04
O1 SO4 E . -8.48 -9.18 30.87
O2 SO4 E . -10.60 -10.30 30.81
O3 SO4 E . -10.24 -8.26 29.60
O4 SO4 E . -9.23 -10.29 28.86
S SO4 F . -8.70 4.86 25.93
O1 SO4 F . -10.06 5.08 26.40
O2 SO4 F . -8.31 3.48 26.17
O3 SO4 F . -8.62 5.15 24.50
O4 SO4 F . -7.79 5.75 26.65
S SO4 G . -10.67 -2.36 24.32
O1 SO4 G . -12.08 -2.01 24.22
O2 SO4 G . -10.39 -3.49 23.44
O3 SO4 G . -9.87 -1.21 23.93
O4 SO4 G . -10.38 -2.71 25.72
S SO4 H . -4.74 -22.01 10.48
O1 SO4 H . -5.81 -21.03 10.28
O2 SO4 H . -5.21 -23.06 11.37
O3 SO4 H . -4.35 -22.61 9.21
O4 SO4 H . -3.61 -21.29 11.06
S SO4 I . 24.95 -19.00 9.81
O1 SO4 I . 23.87 -18.01 9.89
O2 SO4 I . 24.66 -20.14 10.67
O3 SO4 I . 25.10 -19.47 8.44
O4 SO4 I . 26.20 -18.37 10.26
S SO4 J . 6.88 -0.21 0.92
O1 SO4 J . 5.62 0.29 1.49
O2 SO4 J . 6.98 -1.64 1.13
O3 SO4 J . 6.91 0.08 -0.51
O4 SO4 J . 7.99 0.49 1.58
S SO4 K . 18.98 -4.88 24.71
O1 SO4 K . 18.32 -3.58 24.75
O2 SO4 K . 18.01 -5.93 25.02
O3 SO4 K . 19.55 -5.11 23.39
O4 SO4 K . 20.04 -4.91 25.72
S SO4 L . 17.47 -21.19 -13.86
O1 SO4 L . 16.29 -20.34 -13.83
O2 SO4 L . 17.14 -22.51 -13.37
O3 SO4 L . 17.97 -21.26 -15.23
O4 SO4 L . 18.50 -20.62 -13.00
S SO4 M . 4.42 9.86 -1.73
O1 SO4 M . 3.33 10.70 -2.20
O2 SO4 M . 3.92 8.52 -1.45
O3 SO4 M . 5.46 9.78 -2.76
O4 SO4 M . 4.99 10.44 -0.53
S SO4 N . -25.32 5.91 -20.60
O1 SO4 N . -25.53 5.78 -19.16
O2 SO4 N . -26.28 6.85 -21.14
O3 SO4 N . -23.98 6.42 -20.86
O4 SO4 N . -25.47 4.59 -21.23
S SO4 O . -24.50 8.26 6.91
O1 SO4 O . -24.61 9.71 6.72
O2 SO4 O . -25.47 7.82 7.90
O3 SO4 O . -24.75 7.59 5.64
O4 SO4 O . -23.15 7.95 7.40
S SO4 P . -30.56 -12.32 -9.74
O1 SO4 P . -31.62 -11.35 -10.04
O2 SO4 P . -31.02 -13.22 -8.69
O3 SO4 P . -30.25 -13.08 -10.94
O4 SO4 P . -29.36 -11.61 -9.29
S SO4 Q . -20.91 7.57 -27.77
O1 SO4 Q . -21.81 8.66 -27.40
O2 SO4 Q . -21.66 6.36 -28.09
O3 SO4 Q . -20.15 7.99 -28.94
O4 SO4 Q . -20.00 7.27 -26.67
#